data_2DEY
#
_entry.id   2DEY
#
_cell.length_a   146.192
_cell.length_b   60.611
_cell.length_c   115.203
_cell.angle_alpha   90.00
_cell.angle_beta   124.18
_cell.angle_gamma   90.00
#
_symmetry.space_group_name_H-M   'C 1 2 1'
#
loop_
_entity.id
_entity.type
_entity.pdbx_description
1 polymer 'Protein-arginine deiminase type IV'
2 polymer '10-mer peptide from histone H4'
3 non-polymer 'CALCIUM ION'
4 non-polymer 'SULFATE ION'
5 water water
#
loop_
_entity_poly.entity_id
_entity_poly.type
_entity_poly.pdbx_seq_one_letter_code
_entity_poly.pdbx_strand_id
1 'polypeptide(L)'
;GPLGSPEFMAQGTLIRVTPEQPTHAVCVLGTLTQLDICSSAPEDCTSFSINASPGVVVDIAHSPPAKKKSTGSSTWPLDP
GVEVTLTMKAASGSTGDQKVQISYYGPKTPPVKALLYLTAVEISLCADITRTGKVKPTRAVKDQRTWTWGPCGQGAILLV
NCDRDNLESSAMDCEDDEVLDSEDLQDMSLMTLSTKTPKDFFTNHTLVLHVARSEMDKVRVFQATRGKLSSKCSVVLGPK
WPSHYLMVPGGKHNMDFYVEALAFPDTDFPGLITLTISLLDTSNLELPEAVVFQDSVVFRVAPWIMTPNTQPPQEVYACS
IFENEDFLKSVTTLAMKAKCKLTICPEEENMDDQWMQDEMEIGYIQAPHKTLPVVFDSPRNRGLKEFPIKRVMGPDFGYV
TRGPQTGGISGLDSFGNLEVSPPVTVRGKEYPLGRILFGDSCYPSNDSRQMHQALQDFLSAQQVQAPVKLYSDWLSVGHV
DEFLSFVPAPDRKGFRLLLASPRSCYKLFQEQQNEGHGEALLFEGIKKKKQQKIKNILSNKTLREHNSFVERCIDWNREL
LKRELGLAESDIIDIPQLFKLKEFSKAEAFFPNMVNMLVLGKHLGIPKPFGPVINGRCCLEEKVCSLLEPLGLQCTFIND
FFTYHIRHGEVHAGTNVRRKPFSFKWWNMVP
;
X
2 'polypeptide(L)' (ACE)SGRGKGGKGL A
#
loop_
_chem_comp.id
_chem_comp.type
_chem_comp.name
_chem_comp.formula
ACE non-polymer 'ACETYL GROUP' 'C2 H4 O'
CA non-polymer 'CALCIUM ION' 'Ca 2'
SO4 non-polymer 'SULFATE ION' 'O4 S -2'
#
# COMPACT_ATOMS: atom_id res chain seq x y z
N GLY A 12 13.91 -18.40 27.78
CA GLY A 12 13.93 -18.88 29.21
C GLY A 12 13.90 -20.40 29.43
N THR A 13 14.94 -20.94 30.10
CA THR A 13 15.00 -22.37 30.47
C THR A 13 15.48 -22.64 31.90
N LEU A 14 14.77 -23.55 32.59
CA LEU A 14 15.15 -24.04 33.91
C LEU A 14 15.73 -25.46 33.74
N ILE A 15 17.01 -25.59 34.08
CA ILE A 15 17.68 -26.89 34.08
C ILE A 15 17.71 -27.37 35.53
N ARG A 16 17.27 -28.62 35.71
CA ARG A 16 17.28 -29.24 37.01
C ARG A 16 18.48 -30.15 37.10
N VAL A 17 19.28 -29.89 38.12
CA VAL A 17 20.52 -30.62 38.35
C VAL A 17 20.32 -31.60 39.51
N THR A 18 21.11 -32.68 39.50
CA THR A 18 20.90 -33.82 40.39
C THR A 18 22.19 -34.50 40.81
N PRO A 19 22.43 -34.67 42.11
CA PRO A 19 23.59 -35.49 42.47
C PRO A 19 23.44 -36.95 42.02
N GLU A 20 22.20 -37.45 41.99
CA GLU A 20 21.94 -38.79 41.48
C GLU A 20 22.55 -39.01 40.08
N GLN A 21 22.34 -38.05 39.18
CA GLN A 21 22.69 -38.17 37.75
C GLN A 21 23.40 -36.92 37.18
N PRO A 22 24.40 -37.10 36.29
CA PRO A 22 24.82 -35.96 35.48
C PRO A 22 23.70 -35.48 34.52
N THR A 23 23.64 -34.18 34.29
CA THR A 23 22.69 -33.61 33.34
C THR A 23 23.46 -33.11 32.12
N HIS A 24 22.87 -33.36 30.94
CA HIS A 24 23.33 -32.83 29.67
C HIS A 24 22.29 -31.88 29.11
N ALA A 25 22.75 -30.77 28.52
CA ALA A 25 21.86 -29.72 28.07
C ALA A 25 22.53 -28.82 27.02
N VAL A 26 21.72 -28.32 26.08
CA VAL A 26 22.11 -27.34 25.08
C VAL A 26 21.75 -25.92 25.56
N CYS A 27 22.59 -24.94 25.23
CA CYS A 27 22.33 -23.53 25.53
C CYS A 27 22.49 -22.67 24.30
N VAL A 28 21.38 -22.15 23.79
CA VAL A 28 21.41 -21.29 22.62
C VAL A 28 21.80 -19.91 23.09
N LEU A 29 22.79 -19.32 22.44
CA LEU A 29 23.32 -18.03 22.86
C LEU A 29 22.29 -16.92 22.70
N GLY A 30 22.25 -16.03 23.69
CA GLY A 30 21.27 -14.94 23.75
C GLY A 30 19.99 -15.38 24.44
N THR A 31 20.10 -16.41 25.26
CA THR A 31 18.96 -17.01 25.89
C THR A 31 19.23 -16.99 27.39
N LEU A 32 18.18 -16.99 28.20
CA LEU A 32 18.29 -17.04 29.65
C LEU A 32 18.19 -18.50 30.08
N THR A 33 19.25 -19.01 30.68
CA THR A 33 19.27 -20.34 31.25
C THR A 33 19.45 -20.21 32.76
N GLN A 34 18.65 -20.94 33.53
CA GLN A 34 18.79 -21.00 34.99
C GLN A 34 18.83 -22.41 35.53
N LEU A 35 19.31 -22.52 36.77
CA LEU A 35 19.41 -23.78 37.45
C LEU A 35 18.43 -23.93 38.59
N ASP A 36 17.76 -25.07 38.60
CA ASP A 36 17.09 -25.54 39.79
C ASP A 36 18.06 -26.46 40.53
N ILE A 37 18.52 -25.96 41.66
CA ILE A 37 19.53 -26.61 42.47
C ILE A 37 18.88 -27.24 43.71
N CYS A 38 17.67 -26.79 44.05
CA CYS A 38 17.01 -27.29 45.27
C CYS A 38 16.19 -28.56 45.09
N SER A 39 15.41 -28.64 44.02
CA SER A 39 14.43 -29.73 43.82
C SER A 39 14.96 -31.15 44.02
N SER A 40 16.24 -31.38 43.74
CA SER A 40 16.84 -32.71 43.86
C SER A 40 18.09 -32.71 44.74
N ALA A 41 18.20 -31.73 45.62
CA ALA A 41 19.33 -31.60 46.53
C ALA A 41 19.33 -32.70 47.60
N PRO A 42 20.53 -33.13 48.06
CA PRO A 42 20.60 -34.10 49.14
C PRO A 42 20.70 -33.44 50.52
N CYS A 45 22.56 -31.77 54.20
CA CYS A 45 22.97 -30.71 53.27
C CYS A 45 22.10 -29.46 53.30
N THR A 46 22.75 -28.34 53.64
CA THR A 46 22.12 -27.04 53.88
C THR A 46 22.63 -25.91 52.97
N SER A 47 23.80 -26.12 52.34
CA SER A 47 24.49 -25.10 51.54
C SER A 47 25.04 -25.72 50.26
N PHE A 48 25.36 -24.87 49.28
CA PHE A 48 26.02 -25.30 48.04
C PHE A 48 27.02 -24.29 47.51
N SER A 49 27.94 -24.77 46.67
CA SER A 49 28.85 -23.92 45.90
C SER A 49 28.80 -24.31 44.43
N ILE A 50 29.00 -23.34 43.55
CA ILE A 50 29.07 -23.61 42.12
C ILE A 50 30.45 -23.30 41.57
N ASN A 51 30.94 -24.21 40.74
CA ASN A 51 32.22 -24.08 40.05
C ASN A 51 31.98 -24.49 38.61
N ALA A 52 32.36 -23.64 37.67
CA ALA A 52 32.11 -23.88 36.26
C ALA A 52 33.35 -23.60 35.44
N SER A 53 33.38 -24.16 34.22
CA SER A 53 34.46 -23.91 33.27
C SER A 53 34.41 -22.48 32.71
N PRO A 54 35.56 -21.99 32.20
CA PRO A 54 35.73 -20.57 31.86
C PRO A 54 34.76 -19.97 30.84
N GLY A 55 34.11 -20.81 30.04
CA GLY A 55 33.15 -20.31 29.03
C GLY A 55 31.73 -20.10 29.55
N VAL A 56 31.48 -20.62 30.75
CA VAL A 56 30.21 -20.44 31.46
C VAL A 56 30.37 -19.26 32.44
N VAL A 57 29.45 -18.31 32.40
CA VAL A 57 29.37 -17.26 33.42
C VAL A 57 28.20 -17.50 34.34
N VAL A 58 28.51 -17.97 35.55
CA VAL A 58 27.51 -18.20 36.57
C VAL A 58 27.26 -16.88 37.27
N ASP A 59 26.03 -16.38 37.17
CA ASP A 59 25.62 -15.15 37.82
C ASP A 59 24.56 -15.51 38.86
N ILE A 60 24.65 -14.88 40.04
CA ILE A 60 24.03 -15.39 41.25
C ILE A 60 23.80 -14.34 42.33
N THR A 75 29.54 -21.46 49.38
CA THR A 75 29.29 -20.12 49.91
C THR A 75 27.89 -19.57 49.61
N TRP A 76 26.90 -20.47 49.44
CA TRP A 76 25.50 -20.05 49.33
C TRP A 76 24.55 -21.02 50.04
N PRO A 77 23.49 -20.49 50.68
CA PRO A 77 22.49 -21.30 51.36
C PRO A 77 21.58 -22.00 50.36
N LEU A 78 21.08 -23.19 50.73
CA LEU A 78 20.29 -24.03 49.83
C LEU A 78 18.79 -23.67 49.80
N ASP A 79 18.50 -22.36 49.68
CA ASP A 79 17.13 -21.83 49.70
C ASP A 79 16.65 -21.59 48.26
N PRO A 80 15.41 -22.04 47.90
CA PRO A 80 14.86 -21.93 46.53
C PRO A 80 14.79 -20.54 45.94
N GLY A 81 14.76 -19.51 46.78
CA GLY A 81 14.79 -18.13 46.31
C GLY A 81 16.09 -17.68 45.66
N VAL A 82 17.10 -18.55 45.65
CA VAL A 82 18.40 -18.25 45.03
C VAL A 82 18.34 -18.38 43.51
N GLU A 83 18.36 -17.25 42.80
CA GLU A 83 18.45 -17.23 41.33
C GLU A 83 19.89 -17.55 40.91
N VAL A 84 20.05 -18.65 40.18
CA VAL A 84 21.33 -19.04 39.61
C VAL A 84 21.12 -19.12 38.12
N THR A 85 21.86 -18.28 37.40
CA THR A 85 21.69 -18.12 35.97
C THR A 85 23.03 -18.32 35.27
N LEU A 86 23.02 -19.07 34.17
CA LEU A 86 24.22 -19.43 33.45
C LEU A 86 24.22 -18.70 32.13
N THR A 87 25.39 -18.20 31.73
CA THR A 87 25.54 -17.60 30.42
C THR A 87 26.77 -18.17 29.72
N MET A 88 26.61 -18.53 28.45
CA MET A 88 27.73 -19.02 27.64
C MET A 88 28.26 -17.87 26.83
N LYS A 89 29.58 -17.78 26.73
CA LYS A 89 30.24 -16.73 25.96
C LYS A 89 30.19 -17.00 24.45
N ALA A 90 30.38 -18.26 24.05
CA ALA A 90 30.45 -18.63 22.63
C ALA A 90 30.06 -20.10 22.33
N ALA A 91 29.84 -20.39 21.06
CA ALA A 91 29.45 -21.72 20.60
C ALA A 91 30.43 -22.79 21.06
N SER A 92 29.92 -23.96 21.40
CA SER A 92 30.75 -25.12 21.70
C SER A 92 31.45 -25.58 20.44
N GLY A 93 32.69 -26.03 20.59
CA GLY A 93 33.42 -26.71 19.51
C GLY A 93 33.15 -28.20 19.56
N SER A 94 32.86 -28.71 20.74
CA SER A 94 32.37 -30.08 20.87
C SER A 94 31.27 -30.17 21.93
N THR A 95 30.40 -31.15 21.75
CA THR A 95 29.40 -31.50 22.73
C THR A 95 29.93 -31.58 24.15
N GLY A 96 29.22 -30.94 25.07
CA GLY A 96 29.55 -31.00 26.49
C GLY A 96 30.87 -30.34 26.86
N ASP A 97 31.45 -29.56 25.96
CA ASP A 97 32.79 -28.99 26.20
C ASP A 97 32.82 -27.94 27.29
N GLN A 98 31.65 -27.51 27.77
CA GLN A 98 31.54 -26.67 28.95
C GLN A 98 30.87 -27.51 30.02
N LYS A 99 31.04 -27.11 31.27
CA LYS A 99 30.64 -27.92 32.40
C LYS A 99 30.43 -27.11 33.67
N VAL A 100 29.49 -27.59 34.48
CA VAL A 100 29.15 -26.95 35.74
C VAL A 100 29.09 -27.99 36.85
N GLN A 101 29.76 -27.68 37.94
CA GLN A 101 29.80 -28.52 39.10
C GLN A 101 29.13 -27.79 40.22
N ILE A 102 28.09 -28.41 40.77
CA ILE A 102 27.38 -27.92 41.95
C ILE A 102 27.77 -28.82 43.10
N SER A 103 28.48 -28.25 44.06
CA SER A 103 28.88 -28.95 45.28
C SER A 103 27.87 -28.63 46.38
N TYR A 104 27.07 -29.62 46.79
CA TYR A 104 26.21 -29.51 47.99
C TYR A 104 27.00 -29.89 49.25
N TYR A 105 27.04 -29.01 50.23
CA TYR A 105 27.78 -29.32 51.45
C TYR A 105 27.00 -28.89 52.71
N GLY A 106 27.29 -29.57 53.82
CA GLY A 106 26.60 -29.32 55.09
C GLY A 106 27.51 -29.27 56.31
N PRO A 107 26.90 -29.04 57.49
CA PRO A 107 27.64 -28.82 58.73
C PRO A 107 28.59 -29.95 59.14
N LYS A 108 28.29 -31.19 58.73
CA LYS A 108 29.23 -32.30 59.01
C LYS A 108 29.24 -33.36 57.90
N THR A 109 28.87 -32.96 56.70
CA THR A 109 28.78 -33.88 55.57
C THR A 109 29.81 -33.46 54.51
N PRO A 110 30.71 -34.39 54.12
CA PRO A 110 31.59 -34.16 52.97
C PRO A 110 30.80 -33.82 51.69
N PRO A 111 31.38 -32.97 50.81
CA PRO A 111 30.58 -32.37 49.73
C PRO A 111 30.08 -33.37 48.69
N VAL A 112 28.79 -33.29 48.36
CA VAL A 112 28.18 -34.11 47.31
C VAL A 112 27.99 -33.24 46.07
N LYS A 113 28.72 -33.56 45.01
CA LYS A 113 28.67 -32.74 43.79
C LYS A 113 27.70 -33.30 42.73
N ALA A 114 27.10 -32.35 42.00
CA ALA A 114 26.23 -32.64 40.88
C ALA A 114 26.87 -32.07 39.62
N LEU A 115 26.77 -32.83 38.52
CA LEU A 115 27.36 -32.45 37.24
C LEU A 115 26.34 -31.99 36.21
N LEU A 116 26.74 -31.00 35.42
CA LEU A 116 25.97 -30.53 34.28
C LEU A 116 26.92 -30.36 33.10
N TYR A 117 26.66 -31.06 31.99
CA TYR A 117 27.47 -30.87 30.76
C TYR A 117 26.72 -30.01 29.72
N LEU A 118 27.34 -28.93 29.29
CA LEU A 118 26.68 -27.95 28.43
C LEU A 118 27.28 -27.93 27.04
N THR A 119 26.41 -27.67 26.06
CA THR A 119 26.79 -27.44 24.70
C THR A 119 26.12 -26.15 24.24
N ALA A 120 26.94 -25.17 23.86
CA ALA A 120 26.45 -23.89 23.39
C ALA A 120 26.33 -23.90 21.88
N VAL A 121 25.29 -23.26 21.36
CA VAL A 121 25.15 -23.09 19.91
C VAL A 121 24.61 -21.70 19.58
N GLU A 122 24.96 -21.21 18.41
CA GLU A 122 24.38 -20.02 17.85
C GLU A 122 23.29 -20.43 16.87
N ILE A 123 22.07 -19.94 17.06
CA ILE A 123 20.95 -20.15 16.16
C ILE A 123 20.25 -18.79 15.93
N SER A 124 20.55 -18.12 14.81
CA SER A 124 19.90 -16.82 14.53
C SER A 124 19.20 -16.73 13.18
N LEU A 125 17.91 -16.49 13.25
CA LEU A 125 17.07 -16.24 12.10
C LEU A 125 17.15 -14.73 11.96
N CYS A 126 17.68 -14.25 10.84
CA CYS A 126 17.78 -12.82 10.58
C CYS A 126 17.02 -12.36 9.36
N ALA A 127 16.61 -11.09 9.42
CA ALA A 127 15.83 -10.41 8.38
C ALA A 127 16.13 -8.92 8.51
N ASP A 128 15.62 -8.08 7.62
CA ASP A 128 15.89 -6.63 7.65
C ASP A 128 14.89 -5.89 8.53
N ILE A 129 15.12 -5.99 9.83
CA ILE A 129 14.14 -5.54 10.83
C ILE A 129 14.32 -4.06 11.18
N THR A 130 15.46 -3.50 10.81
CA THR A 130 15.68 -2.07 10.88
C THR A 130 15.32 -1.33 9.57
N ARG A 131 14.93 -2.09 8.55
CA ARG A 131 14.43 -1.54 7.30
C ARG A 131 15.46 -0.75 6.52
N THR A 132 16.66 -1.31 6.41
CA THR A 132 17.75 -0.72 5.67
C THR A 132 18.38 -1.79 4.75
N GLY A 133 19.19 -2.70 5.31
CA GLY A 133 19.75 -3.85 4.57
C GLY A 133 20.47 -4.94 5.37
N LYS A 134 19.78 -6.05 5.62
CA LYS A 134 20.38 -7.31 6.15
C LYS A 134 21.58 -7.78 5.30
N GLN A 144 12.78 -8.40 20.02
CA GLN A 144 11.33 -8.46 20.19
C GLN A 144 10.56 -8.96 18.95
N ARG A 145 10.14 -10.22 18.96
CA ARG A 145 9.31 -10.82 17.88
C ARG A 145 7.94 -10.10 17.73
N THR A 146 8.01 -8.82 17.43
CA THR A 146 6.84 -7.94 17.31
C THR A 146 7.12 -6.90 16.24
N TRP A 147 6.13 -6.64 15.39
CA TRP A 147 6.24 -5.59 14.36
C TRP A 147 5.67 -4.25 14.85
N THR A 148 6.51 -3.22 14.94
CA THR A 148 6.03 -1.89 15.28
C THR A 148 6.21 -0.80 14.19
N TRP A 149 5.18 0.04 14.04
CA TRP A 149 5.18 1.19 13.10
C TRP A 149 6.07 2.33 13.59
N GLY A 150 6.60 3.15 12.68
CA GLY A 150 7.21 4.43 13.02
C GLY A 150 8.71 4.48 12.90
N PRO A 151 9.30 5.70 12.90
CA PRO A 151 10.74 5.81 12.67
C PRO A 151 11.60 5.07 13.69
N CYS A 152 11.07 4.85 14.89
CA CYS A 152 11.83 4.15 15.90
C CYS A 152 11.37 2.72 16.08
N GLY A 153 10.63 2.22 15.09
CA GLY A 153 10.02 0.91 15.21
C GLY A 153 10.91 -0.15 14.62
N GLN A 154 10.38 -1.37 14.55
CA GLN A 154 11.14 -2.54 14.13
C GLN A 154 10.25 -3.58 13.45
N GLY A 155 10.80 -4.25 12.45
CA GLY A 155 10.07 -5.29 11.72
C GLY A 155 10.35 -5.16 10.25
N ALA A 156 10.66 -6.29 9.62
CA ALA A 156 11.00 -6.34 8.21
C ALA A 156 9.76 -6.30 7.33
N ILE A 157 9.96 -5.89 6.07
CA ILE A 157 8.87 -5.71 5.13
C ILE A 157 8.88 -6.78 4.04
N LEU A 158 7.70 -7.14 3.62
CA LEU A 158 7.50 -8.14 2.58
C LEU A 158 6.62 -7.50 1.50
N LEU A 159 7.00 -7.67 0.25
CA LEU A 159 6.25 -7.22 -0.89
C LEU A 159 5.37 -8.32 -1.35
N VAL A 160 4.15 -8.01 -1.85
CA VAL A 160 3.39 -9.02 -2.64
C VAL A 160 3.98 -9.13 -4.05
N ASN A 161 4.31 -10.34 -4.49
CA ASN A 161 5.06 -10.53 -5.73
C ASN A 161 4.09 -10.58 -6.92
N CYS A 162 3.46 -9.43 -7.17
CA CYS A 162 2.28 -9.31 -8.05
C CYS A 162 2.58 -8.78 -9.45
N ASP A 163 3.86 -8.64 -9.80
CA ASP A 163 4.28 -8.29 -11.16
C ASP A 163 4.64 -9.57 -11.90
N ARG A 164 5.28 -9.40 -13.05
CA ARG A 164 5.57 -10.55 -13.93
C ARG A 164 6.88 -10.30 -14.66
N ASP A 165 7.96 -10.65 -13.98
CA ASP A 165 9.29 -10.62 -14.58
C ASP A 165 9.46 -11.78 -15.58
N ASN A 166 8.71 -12.87 -15.40
CA ASN A 166 8.77 -13.99 -16.36
C ASN A 166 8.29 -13.57 -17.78
N LEU A 167 9.23 -13.65 -18.71
CA LEU A 167 9.01 -13.26 -20.09
C LEU A 167 7.99 -14.18 -20.76
N GLU A 168 7.08 -13.55 -21.51
CA GLU A 168 6.12 -14.23 -22.39
C GLU A 168 5.03 -15.01 -21.62
N SER A 169 4.91 -14.73 -20.32
CA SER A 169 3.95 -15.43 -19.47
C SER A 169 2.75 -14.53 -19.19
N SER A 170 1.64 -15.13 -18.73
CA SER A 170 0.41 -14.39 -18.43
C SER A 170 0.24 -14.13 -16.93
N ALA A 171 0.69 -15.10 -16.12
CA ALA A 171 0.47 -15.12 -14.68
C ALA A 171 1.47 -14.24 -13.92
N MET A 172 1.03 -13.70 -12.78
CA MET A 172 1.92 -13.05 -11.81
C MET A 172 2.98 -14.03 -11.29
N ASP A 173 4.13 -13.50 -10.89
CA ASP A 173 5.25 -14.36 -10.48
C ASP A 173 4.92 -15.25 -9.27
N CYS A 174 4.12 -14.75 -8.32
CA CYS A 174 3.78 -15.50 -7.09
C CYS A 174 2.70 -16.58 -7.23
N GLU A 175 2.21 -16.81 -8.43
CA GLU A 175 1.20 -17.85 -8.67
C GLU A 175 1.74 -19.29 -8.73
N ASP A 176 3.01 -19.49 -9.10
CA ASP A 176 3.60 -20.85 -9.07
C ASP A 176 4.45 -21.04 -7.82
N ASP A 177 4.98 -22.27 -7.66
CA ASP A 177 5.88 -22.60 -6.56
C ASP A 177 7.37 -22.64 -7.00
N GLU A 178 7.74 -21.78 -7.96
CA GLU A 178 9.12 -21.74 -8.51
C GLU A 178 9.67 -20.33 -8.65
N VAL A 179 11.00 -20.17 -8.55
CA VAL A 179 11.64 -18.91 -8.90
C VAL A 179 12.17 -19.12 -10.31
N LEU A 180 11.54 -18.46 -11.29
CA LEU A 180 11.85 -18.73 -12.70
C LEU A 180 12.81 -17.71 -13.30
N ASP A 181 13.03 -16.60 -12.62
CA ASP A 181 13.92 -15.54 -13.11
C ASP A 181 14.77 -15.01 -11.94
N SER A 182 16.05 -14.81 -12.18
CA SER A 182 17.00 -14.39 -11.15
C SER A 182 16.66 -13.00 -10.62
N GLU A 183 16.16 -12.15 -11.52
CA GLU A 183 15.69 -10.79 -11.16
C GLU A 183 14.41 -10.75 -10.35
N ASP A 184 13.60 -11.81 -10.42
CA ASP A 184 12.42 -11.97 -9.54
C ASP A 184 12.83 -11.92 -8.03
N LEU A 185 14.01 -12.49 -7.73
CA LEU A 185 14.58 -12.45 -6.37
C LEU A 185 14.75 -11.03 -5.79
N GLN A 186 14.87 -10.05 -6.67
CA GLN A 186 14.88 -8.65 -6.24
C GLN A 186 13.61 -8.21 -5.55
N ASP A 187 12.49 -8.84 -5.92
CA ASP A 187 11.23 -8.49 -5.29
C ASP A 187 11.12 -9.12 -3.94
N MET A 188 11.88 -10.19 -3.70
CA MET A 188 11.73 -11.02 -2.49
C MET A 188 12.60 -10.51 -1.35
N SER A 189 12.19 -10.82 -0.14
CA SER A 189 12.89 -10.40 1.08
C SER A 189 13.87 -11.51 1.52
N LEU A 190 15.11 -11.14 1.82
CA LEU A 190 16.11 -12.09 2.26
C LEU A 190 15.92 -12.36 3.76
N MET A 191 15.94 -13.64 4.12
CA MET A 191 16.01 -14.10 5.51
C MET A 191 17.15 -15.11 5.59
N THR A 192 17.96 -15.03 6.65
CA THR A 192 19.13 -15.91 6.78
C THR A 192 19.16 -16.61 8.15
N LEU A 193 19.59 -17.86 8.13
CA LEU A 193 19.77 -18.66 9.32
C LEU A 193 21.27 -18.80 9.47
N SER A 194 21.82 -18.25 10.54
CA SER A 194 23.21 -18.47 10.89
C SER A 194 23.22 -19.40 12.06
N THR A 195 23.98 -20.47 11.90
CA THR A 195 24.20 -21.42 12.97
C THR A 195 25.68 -21.58 13.19
N LYS A 196 26.07 -21.75 14.45
CA LYS A 196 27.43 -22.12 14.80
C LYS A 196 27.32 -23.23 15.89
N THR A 197 27.73 -24.45 15.51
CA THR A 197 27.58 -25.63 16.34
C THR A 197 28.78 -26.57 16.21
N PRO A 198 28.92 -27.55 17.12
CA PRO A 198 29.86 -28.65 16.88
C PRO A 198 29.60 -29.38 15.57
N LYS A 199 30.67 -29.96 15.02
CA LYS A 199 30.60 -30.74 13.78
C LYS A 199 29.58 -31.86 13.84
N ASP A 200 29.37 -32.44 15.02
CA ASP A 200 28.45 -33.58 15.16
C ASP A 200 27.05 -33.22 15.68
N PHE A 201 26.73 -31.94 15.76
CA PHE A 201 25.54 -31.46 16.53
C PHE A 201 24.19 -31.97 16.00
N PHE A 202 24.05 -32.02 14.67
CA PHE A 202 22.78 -32.41 14.02
C PHE A 202 22.65 -33.92 13.76
N THR A 203 23.59 -34.68 14.32
CA THR A 203 23.40 -36.08 14.61
C THR A 203 22.17 -36.25 15.50
N ASN A 204 22.08 -35.41 16.54
CA ASN A 204 21.06 -35.52 17.57
C ASN A 204 20.12 -34.34 17.69
N HIS A 205 20.16 -33.42 16.75
CA HIS A 205 19.21 -32.32 16.76
C HIS A 205 18.79 -32.06 15.32
N THR A 206 17.64 -31.45 15.16
CA THR A 206 17.12 -31.09 13.85
C THR A 206 16.53 -29.70 13.96
N LEU A 207 16.62 -28.96 12.86
CA LEU A 207 15.97 -27.68 12.74
C LEU A 207 14.79 -27.76 11.76
N VAL A 208 13.70 -27.13 12.16
CA VAL A 208 12.53 -27.03 11.32
C VAL A 208 12.12 -25.58 11.19
N LEU A 209 11.83 -25.18 9.96
CA LEU A 209 11.33 -23.87 9.65
C LEU A 209 9.83 -24.05 9.46
N HIS A 210 9.04 -23.14 10.04
CA HIS A 210 7.59 -23.20 9.90
C HIS A 210 6.91 -21.85 9.90
N VAL A 211 5.66 -21.88 9.42
CA VAL A 211 4.69 -20.79 9.40
C VAL A 211 3.36 -21.36 9.88
N ALA A 212 2.57 -20.55 10.57
CA ALA A 212 1.25 -21.01 10.99
C ALA A 212 0.43 -21.41 9.77
N ARG A 213 -0.45 -22.37 9.96
CA ARG A 213 -1.33 -22.78 8.87
C ARG A 213 -2.27 -21.68 8.44
N SER A 214 -2.51 -20.76 9.39
CA SER A 214 -3.45 -19.68 9.22
C SER A 214 -2.85 -18.71 8.24
N GLU A 215 -1.54 -18.75 8.08
CA GLU A 215 -0.81 -17.78 7.28
C GLU A 215 -0.10 -18.39 6.07
N MET A 216 0.00 -19.72 6.01
CA MET A 216 0.75 -20.40 4.94
C MET A 216 0.28 -20.05 3.55
N ASP A 217 -0.97 -19.62 3.39
CA ASP A 217 -1.53 -19.35 2.06
C ASP A 217 -1.17 -17.94 1.57
N LYS A 218 -0.50 -17.18 2.43
CA LYS A 218 -0.18 -15.81 2.14
C LYS A 218 1.29 -15.58 1.95
N VAL A 219 2.07 -16.66 2.00
CA VAL A 219 3.51 -16.50 1.92
C VAL A 219 4.10 -17.69 1.18
N ARG A 220 5.23 -17.49 0.52
CA ARG A 220 6.07 -18.59 0.03
C ARG A 220 7.55 -18.30 0.36
N VAL A 221 8.27 -19.33 0.79
CA VAL A 221 9.69 -19.22 1.18
C VAL A 221 10.51 -20.16 0.33
N PHE A 222 11.63 -19.65 -0.18
CA PHE A 222 12.54 -20.39 -1.05
C PHE A 222 13.91 -20.51 -0.39
N GLN A 223 14.52 -21.67 -0.51
CA GLN A 223 15.85 -21.87 0.00
C GLN A 223 16.86 -21.66 -1.12
N ALA A 224 17.76 -20.71 -0.89
CA ALA A 224 18.86 -20.40 -1.82
C ALA A 224 20.09 -21.26 -1.58
N THR A 225 20.54 -21.91 -2.65
CA THR A 225 21.84 -22.60 -2.73
C THR A 225 22.79 -21.78 -3.59
N CYS A 233 16.94 -21.99 -6.46
CA CYS A 233 15.95 -21.91 -5.39
C CYS A 233 14.96 -23.02 -5.45
N SER A 234 14.59 -23.53 -4.28
CA SER A 234 13.49 -24.46 -4.21
C SER A 234 12.66 -24.12 -2.97
N VAL A 235 11.36 -24.27 -3.14
CA VAL A 235 10.37 -23.89 -2.15
C VAL A 235 10.57 -24.77 -0.93
N VAL A 236 10.56 -24.12 0.24
CA VAL A 236 10.55 -24.82 1.52
C VAL A 236 9.25 -24.59 2.27
N LEU A 237 8.67 -23.40 2.16
CA LEU A 237 7.41 -23.11 2.86
C LEU A 237 6.42 -22.45 1.95
N GLY A 238 5.13 -22.71 2.17
CA GLY A 238 4.08 -22.06 1.39
C GLY A 238 2.73 -22.70 1.60
N PRO A 239 1.77 -22.38 0.70
CA PRO A 239 0.44 -22.94 0.74
C PRO A 239 0.45 -24.43 0.92
N LYS A 240 -0.26 -24.93 1.91
CA LYS A 240 -0.27 -26.38 2.24
C LYS A 240 1.13 -27.02 2.38
N TRP A 241 2.08 -26.22 2.87
CA TRP A 241 3.43 -26.67 3.16
C TRP A 241 3.88 -25.77 4.31
N PRO A 242 3.38 -26.03 5.52
CA PRO A 242 3.63 -25.14 6.67
C PRO A 242 4.91 -25.37 7.46
N SER A 243 5.58 -26.50 7.23
CA SER A 243 6.89 -26.80 7.86
C SER A 243 7.85 -27.59 6.94
N HIS A 244 9.15 -27.42 7.19
CA HIS A 244 10.21 -28.05 6.44
C HIS A 244 11.42 -28.33 7.32
N TYR A 245 11.91 -29.56 7.26
CA TYR A 245 13.11 -29.91 7.99
C TYR A 245 14.28 -29.41 7.19
N LEU A 246 15.19 -28.70 7.83
CA LEU A 246 16.36 -28.14 7.15
C LEU A 246 17.55 -29.07 7.30
N MET A 247 18.38 -29.11 6.25
CA MET A 247 19.60 -29.92 6.21
C MET A 247 20.76 -28.97 6.43
N VAL A 248 21.31 -29.04 7.64
CA VAL A 248 22.29 -28.08 8.14
C VAL A 248 23.48 -28.89 8.63
N PRO A 249 24.68 -28.56 8.14
CA PRO A 249 25.87 -29.17 8.70
C PRO A 249 26.35 -28.42 9.96
N GLY A 250 27.02 -29.15 10.84
CA GLY A 250 27.64 -28.57 12.01
C GLY A 250 28.79 -27.65 11.67
N GLY A 251 29.38 -27.03 12.69
CA GLY A 251 30.32 -25.92 12.49
C GLY A 251 29.52 -24.66 12.25
N LYS A 252 30.08 -23.74 11.47
CA LYS A 252 29.40 -22.50 11.11
C LYS A 252 28.79 -22.65 9.73
N HIS A 253 27.54 -22.23 9.63
CA HIS A 253 26.80 -22.30 8.38
C HIS A 253 25.86 -21.11 8.24
N ASN A 254 25.55 -20.77 7.00
CA ASN A 254 24.64 -19.69 6.73
C ASN A 254 23.77 -20.07 5.56
N MET A 255 22.47 -20.05 5.81
CA MET A 255 21.48 -20.50 4.86
C MET A 255 20.57 -19.35 4.50
N ASP A 256 20.52 -19.00 3.23
CA ASP A 256 19.75 -17.85 2.78
C ASP A 256 18.37 -18.33 2.32
N PHE A 257 17.34 -17.57 2.70
CA PHE A 257 16.00 -17.76 2.18
C PHE A 257 15.46 -16.51 1.53
N TYR A 258 14.53 -16.73 0.61
CA TYR A 258 13.87 -15.65 -0.10
C TYR A 258 12.40 -15.84 0.08
N VAL A 259 11.73 -14.76 0.47
CA VAL A 259 10.33 -14.79 0.92
C VAL A 259 9.53 -13.89 -0.02
N GLU A 260 8.42 -14.39 -0.56
CA GLU A 260 7.45 -13.56 -1.31
C GLU A 260 6.11 -13.58 -0.59
N ALA A 261 5.40 -12.45 -0.54
CA ALA A 261 3.99 -12.46 -0.06
C ALA A 261 3.07 -12.76 -1.23
N LEU A 262 1.92 -13.38 -0.95
CA LEU A 262 0.96 -13.80 -2.00
C LEU A 262 -0.42 -13.10 -1.93
N ALA A 263 -0.55 -12.20 -0.96
CA ALA A 263 -1.80 -11.56 -0.67
C ALA A 263 -1.59 -10.19 -0.02
N PHE A 264 -2.37 -9.20 -0.45
CA PHE A 264 -2.34 -7.90 0.17
C PHE A 264 -3.09 -7.92 1.51
N PRO A 265 -2.72 -6.99 2.41
CA PRO A 265 -3.51 -6.87 3.61
C PRO A 265 -4.95 -6.70 3.19
N ASP A 266 -5.90 -7.18 3.97
CA ASP A 266 -7.33 -7.09 3.62
C ASP A 266 -8.14 -7.34 4.86
N THR A 267 -9.46 -7.19 4.76
CA THR A 267 -10.35 -7.44 5.90
C THR A 267 -10.10 -8.80 6.64
N ASP A 268 -9.66 -9.82 5.87
CA ASP A 268 -9.35 -11.13 6.39
C ASP A 268 -7.89 -11.30 6.85
N PHE A 269 -7.06 -10.28 6.65
CA PHE A 269 -5.61 -10.39 6.78
C PHE A 269 -5.00 -9.08 7.19
N PRO A 270 -4.68 -8.91 8.50
CA PRO A 270 -4.05 -7.68 8.96
C PRO A 270 -2.74 -7.34 8.28
N GLY A 271 -2.06 -8.33 7.73
CA GLY A 271 -0.86 -8.06 6.97
C GLY A 271 0.43 -8.54 7.57
N LEU A 272 0.34 -9.39 8.60
CA LEU A 272 1.55 -9.87 9.31
C LEU A 272 1.80 -11.33 9.03
N ILE A 273 3.05 -11.68 8.74
CA ILE A 273 3.43 -13.06 8.51
C ILE A 273 4.61 -13.37 9.42
N THR A 274 4.48 -14.46 10.19
CA THR A 274 5.51 -14.92 11.13
C THR A 274 6.09 -16.25 10.61
N LEU A 275 7.40 -16.29 10.56
CA LEU A 275 8.19 -17.44 10.23
C LEU A 275 9.03 -17.73 11.45
N THR A 276 9.07 -19.02 11.80
CA THR A 276 9.71 -19.48 13.00
C THR A 276 10.71 -20.61 12.67
N ILE A 277 11.87 -20.56 13.31
CA ILE A 277 12.83 -21.66 13.35
C ILE A 277 12.72 -22.35 14.71
N SER A 278 12.48 -23.67 14.70
CA SER A 278 12.52 -24.49 15.91
C SER A 278 13.72 -25.47 15.87
N LEU A 279 14.43 -25.53 16.98
CA LEU A 279 15.45 -26.53 17.25
C LEU A 279 14.90 -27.71 18.06
N LEU A 280 15.09 -28.91 17.53
CA LEU A 280 14.54 -30.14 18.08
C LEU A 280 15.62 -31.11 18.49
N ASP A 281 15.41 -31.73 19.64
CA ASP A 281 16.25 -32.76 20.18
C ASP A 281 15.67 -34.06 19.63
N THR A 282 16.44 -34.72 18.78
CA THR A 282 16.04 -35.95 18.14
C THR A 282 16.96 -37.05 18.64
N SER A 283 17.41 -36.93 19.88
CA SER A 283 18.37 -37.84 20.48
C SER A 283 17.82 -39.22 20.73
N ASN A 284 16.55 -39.30 21.06
CA ASN A 284 15.98 -40.52 21.57
C ASN A 284 15.15 -41.16 20.50
N LEU A 285 15.54 -42.38 20.11
CA LEU A 285 14.85 -43.11 19.06
C LEU A 285 13.48 -43.57 19.57
N GLU A 286 13.36 -43.81 20.89
CA GLU A 286 12.11 -44.28 21.51
C GLU A 286 11.21 -43.12 22.00
N LEU A 287 11.39 -41.94 21.45
CA LEU A 287 10.65 -40.80 21.94
C LEU A 287 10.44 -39.77 20.82
N PRO A 288 9.30 -39.06 20.87
CA PRO A 288 9.07 -37.95 19.97
C PRO A 288 10.14 -36.89 20.07
N GLU A 289 10.24 -36.06 19.04
CA GLU A 289 11.15 -34.92 19.07
C GLU A 289 10.70 -33.92 20.12
N ALA A 290 11.67 -33.20 20.68
CA ALA A 290 11.43 -32.28 21.81
C ALA A 290 11.99 -30.92 21.46
N VAL A 291 11.13 -29.92 21.52
CA VAL A 291 11.55 -28.56 21.15
C VAL A 291 12.42 -28.04 22.26
N VAL A 292 13.57 -27.55 21.87
CA VAL A 292 14.56 -26.99 22.76
C VAL A 292 14.58 -25.46 22.67
N PHE A 293 14.18 -24.90 21.52
CA PHE A 293 14.36 -23.47 21.25
C PHE A 293 13.53 -23.07 20.04
N GLN A 294 12.87 -21.90 20.12
CA GLN A 294 12.19 -21.29 18.98
C GLN A 294 12.60 -19.86 18.88
N ASP A 295 12.77 -19.39 17.65
CA ASP A 295 12.97 -17.97 17.39
C ASP A 295 12.22 -17.65 16.11
N SER A 296 11.88 -16.37 15.91
CA SER A 296 11.10 -15.97 14.73
C SER A 296 11.30 -14.58 14.19
N VAL A 297 10.83 -14.38 12.97
CA VAL A 297 10.77 -13.07 12.37
C VAL A 297 9.34 -12.80 11.91
N VAL A 298 8.89 -11.61 12.21
CA VAL A 298 7.60 -11.11 11.78
C VAL A 298 7.80 -10.10 10.65
N PHE A 299 7.19 -10.40 9.51
CA PHE A 299 7.15 -9.51 8.37
C PHE A 299 5.80 -8.84 8.32
N ARG A 300 5.79 -7.64 7.75
CA ARG A 300 4.54 -7.01 7.43
C ARG A 300 4.47 -6.87 5.94
N VAL A 301 3.35 -7.30 5.36
CA VAL A 301 3.11 -7.13 3.94
C VAL A 301 2.85 -5.64 3.61
N ALA A 302 3.61 -5.14 2.62
CA ALA A 302 3.50 -3.77 2.11
C ALA A 302 2.13 -3.48 1.53
N PRO A 303 1.52 -2.34 1.96
CA PRO A 303 0.25 -1.89 1.43
C PRO A 303 0.36 -1.31 0.04
N TRP A 304 -0.75 -1.38 -0.70
CA TRP A 304 -0.90 -0.71 -1.99
C TRP A 304 -1.21 0.76 -1.71
N ILE A 305 -0.41 1.66 -2.30
CA ILE A 305 -0.45 3.10 -2.05
C ILE A 305 -0.71 3.90 -3.34
N MET A 306 -1.60 4.89 -3.26
CA MET A 306 -1.95 5.74 -4.43
C MET A 306 -1.09 6.96 -4.43
N THR A 307 -1.06 7.65 -5.56
CA THR A 307 -0.28 8.92 -5.69
C THR A 307 -1.16 10.10 -6.16
N PRO A 308 -1.21 11.20 -5.36
CA PRO A 308 -1.96 12.40 -5.73
C PRO A 308 -1.46 13.12 -6.97
N ASN A 309 -2.29 13.98 -7.52
CA ASN A 309 -1.95 14.87 -8.63
C ASN A 309 -0.74 15.78 -8.35
N THR A 310 -0.30 15.83 -7.08
CA THR A 310 0.86 16.62 -6.68
C THR A 310 2.16 15.84 -6.75
N GLN A 311 2.07 14.53 -6.96
CA GLN A 311 3.29 13.75 -7.21
C GLN A 311 3.68 13.89 -8.66
N PRO A 312 4.98 14.12 -8.94
CA PRO A 312 5.45 14.31 -10.32
C PRO A 312 5.08 13.14 -11.27
N PRO A 313 4.48 13.44 -12.41
CA PRO A 313 3.98 12.42 -13.33
C PRO A 313 5.10 11.77 -14.15
N GLN A 314 5.02 10.45 -14.32
CA GLN A 314 6.01 9.71 -15.08
C GLN A 314 5.54 9.19 -16.42
N GLU A 315 4.25 8.93 -16.56
CA GLU A 315 3.72 8.26 -17.73
C GLU A 315 2.25 8.54 -17.85
N VAL A 316 1.83 8.91 -19.07
CA VAL A 316 0.43 9.20 -19.33
C VAL A 316 -0.17 8.10 -20.20
N TYR A 317 -1.44 7.80 -19.94
CA TYR A 317 -2.17 6.79 -20.70
C TYR A 317 -3.36 7.45 -21.35
N ALA A 318 -3.57 7.15 -22.61
CA ALA A 318 -4.83 7.39 -23.23
C ALA A 318 -5.09 6.23 -24.15
N CYS A 319 -6.35 6.09 -24.48
CA CYS A 319 -6.77 5.09 -25.36
C CYS A 319 -7.70 5.95 -26.11
N SER A 320 -7.06 6.76 -26.97
CA SER A 320 -7.69 7.78 -27.75
C SER A 320 -7.48 7.40 -29.19
N ILE A 321 -6.92 6.20 -29.39
CA ILE A 321 -7.16 5.55 -30.63
C ILE A 321 -8.64 5.22 -30.48
N PHE A 322 -9.44 6.13 -31.00
CA PHE A 322 -10.76 5.84 -31.51
C PHE A 322 -10.96 7.06 -32.42
N GLU A 323 -12.16 7.54 -32.68
CA GLU A 323 -12.33 8.59 -33.72
C GLU A 323 -11.68 9.99 -33.50
N ASN A 324 -11.39 10.38 -32.25
CA ASN A 324 -10.61 11.61 -31.95
C ASN A 324 -9.19 11.57 -32.55
N GLU A 325 -8.48 12.70 -32.52
CA GLU A 325 -7.05 12.72 -32.89
C GLU A 325 -6.31 13.99 -32.45
N ASP A 326 -7.01 15.12 -32.52
CA ASP A 326 -6.49 16.37 -31.99
C ASP A 326 -6.53 16.35 -30.45
N PHE A 327 -7.55 15.71 -29.87
CA PHE A 327 -7.52 15.42 -28.43
C PHE A 327 -6.18 14.76 -28.12
N LEU A 328 -5.93 13.66 -28.81
CA LEU A 328 -4.71 12.88 -28.60
C LEU A 328 -3.42 13.65 -28.88
N LYS A 329 -3.46 14.53 -29.86
CA LYS A 329 -2.33 15.39 -30.17
C LYS A 329 -2.05 16.30 -28.99
N SER A 330 -3.11 16.92 -28.47
CA SER A 330 -2.99 17.84 -27.33
C SER A 330 -2.40 17.18 -26.08
N VAL A 331 -2.90 16.00 -25.70
CA VAL A 331 -2.33 15.29 -24.54
C VAL A 331 -0.87 14.86 -24.81
N THR A 332 -0.55 14.54 -26.07
CA THR A 332 0.81 14.20 -26.44
C THR A 332 1.75 15.38 -26.18
N THR A 333 1.33 16.60 -26.52
CA THR A 333 2.18 17.78 -26.32
C THR A 333 2.43 17.97 -24.82
N LEU A 334 1.37 17.84 -24.03
CA LEU A 334 1.45 17.97 -22.57
C LEU A 334 2.39 16.96 -21.96
N ALA A 335 2.25 15.70 -22.36
CA ALA A 335 3.15 14.64 -21.92
C ALA A 335 4.62 14.98 -22.19
N MET A 336 4.93 15.51 -23.38
CA MET A 336 6.30 15.93 -23.71
C MET A 336 6.74 17.12 -22.84
N LYS A 337 5.88 18.13 -22.74
CA LYS A 337 6.15 19.27 -21.86
C LYS A 337 6.43 18.80 -20.44
N ALA A 338 5.69 17.79 -20.00
CA ALA A 338 5.85 17.22 -18.65
C ALA A 338 6.96 16.16 -18.50
N LYS A 339 7.62 15.83 -19.61
CA LYS A 339 8.72 14.84 -19.64
C LYS A 339 8.21 13.42 -19.29
N CYS A 340 7.10 13.03 -19.90
CA CYS A 340 6.46 11.75 -19.58
C CYS A 340 6.46 10.78 -20.73
N LYS A 341 6.79 9.53 -20.43
CA LYS A 341 6.45 8.42 -21.29
C LYS A 341 4.97 8.54 -21.62
N LEU A 342 4.58 8.13 -22.83
CA LEU A 342 3.18 8.16 -23.23
C LEU A 342 2.73 6.81 -23.78
N THR A 343 1.74 6.20 -23.13
CA THR A 343 1.23 4.91 -23.54
C THR A 343 -0.23 5.01 -24.02
N ILE A 344 -0.52 4.43 -25.19
CA ILE A 344 -1.81 4.61 -25.87
C ILE A 344 -2.41 3.30 -26.37
N CYS A 345 -3.71 3.16 -26.13
CA CYS A 345 -4.41 1.92 -26.36
C CYS A 345 -5.28 1.98 -27.64
N PRO A 346 -4.97 1.11 -28.61
CA PRO A 346 -5.67 1.05 -29.91
C PRO A 346 -7.15 0.64 -29.79
N GLU A 347 -7.98 1.17 -30.69
CA GLU A 347 -9.41 0.84 -30.77
C GLU A 347 -9.68 -0.66 -30.87
N GLU A 348 -8.70 -1.40 -31.41
CA GLU A 348 -8.78 -2.86 -31.55
C GLU A 348 -8.66 -3.52 -30.20
N GLU A 349 -8.10 -2.80 -29.22
CA GLU A 349 -7.99 -3.28 -27.85
C GLU A 349 -9.02 -2.59 -26.95
N ASN A 350 -9.12 -1.26 -27.07
CA ASN A 350 -10.17 -0.40 -26.43
C ASN A 350 -11.55 -0.98 -26.44
N MET A 351 -11.92 -1.54 -27.60
CA MET A 351 -13.29 -1.93 -27.93
C MET A 351 -14.24 -0.72 -27.86
N ASP A 352 -13.74 0.46 -28.26
CA ASP A 352 -14.51 1.73 -28.22
C ASP A 352 -14.68 2.26 -26.81
N ASP A 353 -13.92 1.70 -25.87
CA ASP A 353 -13.92 2.18 -24.50
C ASP A 353 -12.82 3.22 -24.33
N GLN A 354 -13.23 4.48 -24.39
CA GLN A 354 -12.28 5.60 -24.35
C GLN A 354 -11.90 6.08 -22.93
N TRP A 355 -12.49 5.50 -21.89
CA TRP A 355 -12.38 6.07 -20.48
C TRP A 355 -11.24 5.48 -19.67
N MET A 356 -10.02 5.84 -20.08
CA MET A 356 -8.77 5.30 -19.51
C MET A 356 -8.60 5.56 -18.00
N GLN A 357 -9.30 6.58 -17.50
CA GLN A 357 -9.33 6.89 -16.06
C GLN A 357 -10.01 5.81 -15.24
N ASP A 358 -10.94 5.08 -15.85
CA ASP A 358 -11.96 4.36 -15.09
C ASP A 358 -11.69 2.86 -14.75
N GLU A 359 -11.01 2.10 -15.62
CA GLU A 359 -10.65 0.70 -15.35
C GLU A 359 -9.46 0.53 -14.42
N MET A 360 -8.64 1.56 -14.24
CA MET A 360 -7.46 1.35 -13.44
C MET A 360 -7.00 2.54 -12.62
N GLU A 361 -6.15 2.23 -11.65
CA GLU A 361 -5.53 3.24 -10.82
C GLU A 361 -4.13 2.72 -10.61
N ILE A 362 -3.13 3.50 -11.02
CA ILE A 362 -1.75 3.10 -10.86
C ILE A 362 -1.25 3.60 -9.51
N GLY A 363 -0.96 2.66 -8.64
CA GLY A 363 -0.35 2.92 -7.33
C GLY A 363 1.03 2.30 -7.27
N TYR A 364 1.49 1.99 -6.07
CA TYR A 364 2.78 1.32 -5.93
C TYR A 364 2.86 0.56 -4.60
N ILE A 365 3.84 -0.34 -4.55
CA ILE A 365 4.31 -0.95 -3.32
C ILE A 365 5.77 -0.66 -3.14
N GLN A 366 6.22 -0.61 -1.89
CA GLN A 366 7.51 -0.08 -1.49
C GLN A 366 8.11 -0.86 -0.28
N ALA A 367 9.29 -1.42 -0.48
CA ALA A 367 10.05 -2.00 0.62
C ALA A 367 11.47 -1.40 0.55
N PRO A 368 12.28 -1.53 1.63
CA PRO A 368 13.60 -0.88 1.63
C PRO A 368 14.51 -1.33 0.49
N HIS A 369 14.26 -2.55 0.01
CA HIS A 369 15.04 -3.18 -1.05
C HIS A 369 14.42 -3.01 -2.44
N LYS A 370 13.18 -2.56 -2.53
CA LYS A 370 12.44 -2.59 -3.80
C LYS A 370 11.10 -1.85 -3.75
N THR A 371 10.87 -1.03 -4.76
CA THR A 371 9.67 -0.24 -4.95
C THR A 371 9.21 -0.47 -6.39
N LEU A 372 7.94 -0.78 -6.60
CA LEU A 372 7.43 -0.91 -7.96
C LEU A 372 6.00 -0.46 -8.09
N PRO A 373 5.67 0.09 -9.27
CA PRO A 373 4.28 0.46 -9.51
C PRO A 373 3.39 -0.78 -9.60
N VAL A 374 2.14 -0.60 -9.17
CA VAL A 374 1.14 -1.67 -9.14
C VAL A 374 -0.21 -1.13 -9.57
N VAL A 375 -0.80 -1.79 -10.56
CA VAL A 375 -2.11 -1.40 -11.10
C VAL A 375 -3.25 -2.00 -10.30
N PHE A 376 -4.13 -1.15 -9.79
CA PHE A 376 -5.35 -1.66 -9.24
C PHE A 376 -6.35 -1.61 -10.38
N ASP A 377 -6.79 -2.79 -10.79
CA ASP A 377 -7.71 -2.98 -11.92
C ASP A 377 -9.17 -2.99 -11.41
N SER A 378 -9.91 -1.92 -11.72
CA SER A 378 -11.32 -1.86 -11.31
C SER A 378 -12.07 -3.06 -11.95
N PRO A 379 -13.08 -3.62 -11.25
CA PRO A 379 -14.01 -4.61 -11.79
C PRO A 379 -14.98 -4.07 -12.84
N ARG A 380 -14.94 -2.76 -13.07
CA ARG A 380 -15.70 -2.13 -14.15
C ARG A 380 -15.87 -3.07 -15.34
N ASN A 381 -14.76 -3.64 -15.79
CA ASN A 381 -14.77 -4.67 -16.84
C ASN A 381 -15.51 -4.29 -18.13
N ARG A 382 -15.08 -3.19 -18.73
CA ARG A 382 -15.65 -2.72 -19.99
C ARG A 382 -14.64 -2.92 -21.13
N GLY A 383 -14.66 -2.08 -22.16
CA GLY A 383 -13.78 -2.31 -23.29
C GLY A 383 -12.30 -2.36 -22.93
N LEU A 384 -11.91 -1.62 -21.88
CA LEU A 384 -10.52 -1.61 -21.43
C LEU A 384 -10.15 -2.78 -20.50
N LYS A 385 -11.06 -3.73 -20.29
CA LYS A 385 -10.85 -4.79 -19.31
C LYS A 385 -9.47 -5.48 -19.42
N GLU A 386 -9.00 -5.70 -20.63
CA GLU A 386 -7.77 -6.47 -20.84
C GLU A 386 -6.51 -5.63 -20.66
N PHE A 387 -6.66 -4.31 -20.68
CA PHE A 387 -5.50 -3.41 -20.76
C PHE A 387 -4.55 -3.50 -19.56
N PRO A 388 -5.09 -3.47 -18.33
CA PRO A 388 -4.19 -3.55 -17.17
C PRO A 388 -3.47 -4.90 -17.05
N ILE A 389 -4.19 -5.99 -17.37
CA ILE A 389 -3.66 -7.34 -17.25
C ILE A 389 -2.72 -7.68 -18.44
N LYS A 390 -3.02 -7.19 -19.64
CA LYS A 390 -2.21 -7.49 -20.82
C LYS A 390 -1.09 -6.46 -21.14
N ARG A 391 -1.31 -5.17 -20.83
CA ARG A 391 -0.40 -4.12 -21.27
C ARG A 391 0.33 -3.40 -20.15
N VAL A 392 -0.28 -3.38 -18.96
CA VAL A 392 0.27 -2.60 -17.87
C VAL A 392 1.09 -3.51 -16.96
N MET A 393 0.50 -4.62 -16.51
CA MET A 393 1.26 -5.55 -15.68
C MET A 393 2.40 -6.18 -16.48
N GLY A 394 3.52 -6.40 -15.81
CA GLY A 394 4.70 -6.92 -16.46
C GLY A 394 5.93 -6.75 -15.59
N PRO A 395 7.13 -6.72 -16.19
CA PRO A 395 8.36 -6.57 -15.42
C PRO A 395 8.42 -5.32 -14.58
N ASP A 396 8.47 -5.47 -13.26
CA ASP A 396 8.42 -4.36 -12.31
C ASP A 396 7.14 -3.50 -12.39
N PHE A 397 6.08 -4.09 -12.93
CA PHE A 397 4.75 -3.50 -12.88
C PHE A 397 3.77 -4.51 -12.27
N GLY A 398 3.43 -4.28 -11.01
CA GLY A 398 2.53 -5.17 -10.29
C GLY A 398 1.08 -5.12 -10.74
N TYR A 399 0.31 -6.06 -10.24
CA TYR A 399 -1.12 -6.13 -10.50
C TYR A 399 -1.91 -6.51 -9.23
N VAL A 400 -3.04 -5.86 -8.99
CA VAL A 400 -4.12 -6.36 -8.12
C VAL A 400 -5.49 -6.12 -8.77
N THR A 401 -6.46 -6.94 -8.39
CA THR A 401 -7.87 -6.59 -8.60
C THR A 401 -8.73 -6.97 -7.37
N ARG A 402 -9.89 -6.32 -7.22
CA ARG A 402 -10.87 -6.69 -6.19
C ARG A 402 -12.30 -6.68 -6.81
N GLY A 403 -13.27 -7.21 -6.07
CA GLY A 403 -14.69 -7.16 -6.43
C GLY A 403 -15.13 -8.31 -7.33
N PRO A 404 -16.46 -8.48 -7.52
CA PRO A 404 -16.94 -9.48 -8.46
C PRO A 404 -16.64 -9.07 -9.90
N GLN A 405 -16.24 -10.06 -10.69
CA GLN A 405 -15.76 -9.81 -12.04
C GLN A 405 -16.80 -10.04 -13.12
N THR A 406 -17.98 -10.60 -12.78
CA THR A 406 -19.03 -10.86 -13.76
C THR A 406 -20.32 -10.02 -13.60
N GLY A 407 -20.20 -8.84 -13.01
CA GLY A 407 -21.35 -7.96 -12.79
C GLY A 407 -21.52 -7.89 -11.30
N GLY A 408 -22.58 -7.21 -10.84
CA GLY A 408 -22.81 -6.95 -9.40
C GLY A 408 -22.09 -5.68 -8.99
N ILE A 409 -21.93 -4.80 -9.97
CA ILE A 409 -21.02 -3.64 -9.90
C ILE A 409 -21.81 -2.35 -10.14
N SER A 410 -21.24 -1.20 -9.82
CA SER A 410 -21.87 0.08 -10.19
C SER A 410 -20.86 1.06 -10.79
N GLY A 411 -21.38 2.18 -11.27
CA GLY A 411 -20.56 3.25 -11.80
C GLY A 411 -19.59 3.79 -10.76
N LEU A 412 -19.86 3.54 -9.49
CA LEU A 412 -18.99 4.12 -8.47
C LEU A 412 -17.76 3.21 -8.25
N ASP A 413 -17.68 2.12 -9.01
CA ASP A 413 -16.51 1.22 -9.02
C ASP A 413 -15.49 1.56 -10.12
N SER A 414 -15.89 2.46 -11.03
CA SER A 414 -15.02 3.06 -12.03
C SER A 414 -14.10 4.04 -11.32
N PHE A 415 -12.83 4.09 -11.71
CA PHE A 415 -11.83 4.64 -10.85
C PHE A 415 -11.55 6.13 -11.05
N GLY A 416 -12.43 6.83 -11.77
CA GLY A 416 -12.56 8.27 -11.65
C GLY A 416 -13.25 8.61 -10.34
N ASN A 417 -13.88 7.59 -9.74
CA ASN A 417 -14.37 7.67 -8.36
C ASN A 417 -13.31 7.36 -7.26
N LEU A 418 -12.04 7.19 -7.63
CA LEU A 418 -10.99 6.83 -6.69
C LEU A 418 -9.83 7.79 -6.88
N GLU A 419 -9.62 8.61 -5.86
CA GLU A 419 -8.54 9.63 -5.82
C GLU A 419 -7.89 9.63 -4.43
N VAL A 420 -6.79 10.40 -4.26
CA VAL A 420 -6.11 10.67 -2.98
C VAL A 420 -5.71 12.14 -2.84
N SER A 421 -5.75 12.65 -1.62
CA SER A 421 -5.30 13.99 -1.37
C SER A 421 -3.79 14.09 -1.32
N PRO A 422 -3.26 15.30 -1.51
CA PRO A 422 -1.86 15.48 -1.14
C PRO A 422 -1.64 15.16 0.35
N PRO A 423 -0.37 14.99 0.78
CA PRO A 423 -0.08 14.92 2.20
C PRO A 423 -0.78 16.05 2.96
N VAL A 424 -1.09 15.79 4.21
CA VAL A 424 -2.02 16.63 4.94
C VAL A 424 -1.84 16.31 6.43
N THR A 425 -1.90 17.33 7.28
CA THR A 425 -1.89 17.15 8.73
C THR A 425 -3.19 17.79 9.24
N VAL A 426 -3.83 17.09 10.18
CA VAL A 426 -5.22 17.38 10.53
C VAL A 426 -5.34 17.35 12.04
N ARG A 427 -5.70 18.48 12.62
CA ARG A 427 -5.78 18.64 14.08
C ARG A 427 -4.72 17.77 14.79
N GLY A 428 -3.50 17.76 14.20
CA GLY A 428 -2.42 17.05 14.85
C GLY A 428 -2.06 15.72 14.24
N LYS A 429 -3.02 15.00 13.70
CA LYS A 429 -2.71 13.72 13.10
C LYS A 429 -2.15 13.99 11.73
N GLU A 430 -0.98 13.43 11.47
CA GLU A 430 -0.31 13.59 10.20
C GLU A 430 -0.63 12.45 9.20
N TYR A 431 -0.88 12.82 7.95
CA TYR A 431 -1.15 11.86 6.85
C TYR A 431 -0.17 12.11 5.72
N PRO A 432 1.03 11.53 5.82
CA PRO A 432 2.15 11.96 4.96
C PRO A 432 2.07 11.37 3.56
N LEU A 433 1.15 10.44 3.31
CA LEU A 433 0.90 9.95 1.97
C LEU A 433 -0.50 10.41 1.48
N GLY A 434 -1.09 11.37 2.19
CA GLY A 434 -2.46 11.75 1.95
C GLY A 434 -3.54 10.71 2.32
N ARG A 435 -4.76 11.08 2.01
CA ARG A 435 -5.92 10.32 2.44
C ARG A 435 -6.65 10.01 1.17
N ILE A 436 -6.91 8.74 0.93
CA ILE A 436 -7.74 8.34 -0.16
C ILE A 436 -9.16 8.93 0.01
N LEU A 437 -9.69 9.40 -1.11
CA LEU A 437 -10.97 10.06 -1.18
C LEU A 437 -11.80 9.23 -2.16
N PHE A 438 -13.01 8.83 -1.79
CA PHE A 438 -13.89 8.21 -2.79
C PHE A 438 -15.36 8.49 -2.60
N GLY A 439 -16.12 8.39 -3.69
CA GLY A 439 -17.47 8.86 -3.66
C GLY A 439 -18.55 7.85 -3.30
N ASP A 440 -19.54 8.35 -2.58
CA ASP A 440 -20.65 7.55 -2.07
C ASP A 440 -21.99 8.36 -2.11
N SER A 441 -23.03 7.81 -1.51
CA SER A 441 -24.28 8.53 -1.29
C SER A 441 -24.25 9.04 0.13
N CYS A 442 -25.22 9.84 0.54
CA CYS A 442 -25.24 10.32 1.92
C CYS A 442 -25.87 9.32 2.88
N TYR A 443 -26.73 8.45 2.38
CA TYR A 443 -27.22 7.31 3.14
C TYR A 443 -27.69 6.22 2.17
N PRO A 444 -27.69 4.96 2.61
CA PRO A 444 -28.19 3.91 1.70
C PRO A 444 -29.71 3.93 1.49
N SER A 445 -30.15 4.09 0.24
CA SER A 445 -31.57 3.87 -0.14
C SER A 445 -31.65 2.80 -1.24
N ASN A 446 -32.86 2.46 -1.67
CA ASN A 446 -33.03 1.50 -2.78
C ASN A 446 -32.51 2.07 -4.09
N ASP A 447 -32.39 3.39 -4.13
CA ASP A 447 -31.98 4.09 -5.32
C ASP A 447 -30.50 4.50 -5.30
N SER A 448 -29.85 4.43 -4.13
CA SER A 448 -28.47 4.92 -3.97
C SER A 448 -27.43 3.94 -4.46
N ARG A 449 -26.22 4.47 -4.73
CA ARG A 449 -25.06 3.70 -5.15
C ARG A 449 -23.85 3.91 -4.24
N GLN A 450 -23.01 2.90 -4.24
CA GLN A 450 -21.76 2.92 -3.50
C GLN A 450 -20.78 2.13 -4.31
N MET A 451 -19.50 2.37 -4.03
CA MET A 451 -18.47 1.48 -4.50
C MET A 451 -18.61 0.20 -3.69
N HIS A 452 -18.32 -0.91 -4.38
CA HIS A 452 -18.46 -2.23 -3.81
C HIS A 452 -17.67 -2.37 -2.55
N GLN A 453 -18.23 -3.10 -1.60
CA GLN A 453 -17.66 -3.20 -0.26
C GLN A 453 -16.25 -3.84 -0.30
N ALA A 454 -16.05 -4.76 -1.25
CA ALA A 454 -14.78 -5.47 -1.39
C ALA A 454 -13.64 -4.49 -1.69
N LEU A 455 -13.93 -3.49 -2.52
CA LEU A 455 -12.99 -2.44 -2.86
C LEU A 455 -12.76 -1.52 -1.70
N GLN A 456 -13.84 -1.12 -1.03
CA GLN A 456 -13.75 -0.18 0.11
C GLN A 456 -12.93 -0.81 1.20
N ASP A 457 -13.22 -2.08 1.51
CA ASP A 457 -12.52 -2.88 2.55
C ASP A 457 -11.04 -3.06 2.25
N PHE A 458 -10.72 -3.43 1.00
CA PHE A 458 -9.31 -3.46 0.57
C PHE A 458 -8.62 -2.11 0.83
N LEU A 459 -9.25 -0.98 0.46
CA LEU A 459 -8.59 0.35 0.61
C LEU A 459 -8.33 0.73 2.06
N SER A 460 -9.31 0.50 2.92
CA SER A 460 -9.16 0.73 4.37
C SER A 460 -8.15 -0.22 4.98
N ALA A 461 -8.06 -1.46 4.49
CA ALA A 461 -7.02 -2.39 5.02
C ALA A 461 -5.60 -2.01 4.60
N GLN A 462 -5.44 -1.16 3.59
CA GLN A 462 -4.11 -0.65 3.27
C GLN A 462 -3.59 0.32 4.34
N GLN A 463 -4.48 0.87 5.16
CA GLN A 463 -4.16 1.69 6.37
C GLN A 463 -3.06 2.70 6.25
N VAL A 464 -2.71 3.27 5.14
CA VAL A 464 -1.71 4.34 5.27
C VAL A 464 -2.26 5.57 4.57
N GLN A 465 -3.40 5.40 3.88
CA GLN A 465 -4.11 6.54 3.33
C GLN A 465 -5.57 6.56 3.73
N ALA A 466 -5.81 6.10 4.96
CA ALA A 466 -7.11 6.11 5.63
C ALA A 466 -8.22 6.76 4.81
N PRO A 467 -8.93 5.97 4.02
CA PRO A 467 -9.91 6.59 3.15
C PRO A 467 -10.96 7.48 3.80
N VAL A 468 -11.40 8.48 3.02
CA VAL A 468 -12.53 9.32 3.32
C VAL A 468 -13.62 9.13 2.24
N LYS A 469 -14.80 8.67 2.64
CA LYS A 469 -16.04 8.75 1.85
C LYS A 469 -16.55 10.19 1.57
N LEU A 470 -16.60 10.55 0.29
CA LEU A 470 -17.23 11.78 -0.17
C LEU A 470 -18.62 11.47 -0.74
N TYR A 471 -19.39 12.51 -1.06
CA TYR A 471 -20.75 12.38 -1.68
C TYR A 471 -20.75 12.74 -3.14
N SER A 472 -20.86 11.74 -4.00
CA SER A 472 -20.79 11.89 -5.42
C SER A 472 -22.02 11.30 -6.14
N ASP A 473 -22.96 10.69 -5.40
CA ASP A 473 -24.04 9.92 -6.01
C ASP A 473 -25.07 10.79 -6.71
N TRP A 474 -25.08 12.05 -6.31
CA TRP A 474 -25.90 13.11 -6.95
C TRP A 474 -25.52 13.42 -8.39
N LEU A 475 -24.34 13.00 -8.81
CA LEU A 475 -23.92 13.07 -10.19
C LEU A 475 -24.43 11.86 -10.94
N SER A 476 -24.85 12.06 -12.16
CA SER A 476 -25.29 10.97 -13.01
C SER A 476 -24.22 9.90 -13.08
N VAL A 477 -22.98 10.31 -13.37
CA VAL A 477 -21.88 9.35 -13.52
C VAL A 477 -21.45 8.86 -12.13
N GLY A 478 -21.25 9.80 -11.23
CA GLY A 478 -21.10 9.49 -9.83
C GLY A 478 -19.69 9.47 -9.30
N HIS A 479 -18.82 10.33 -9.84
CA HIS A 479 -17.41 10.20 -9.48
C HIS A 479 -16.90 11.47 -8.85
N VAL A 480 -16.00 11.33 -7.88
CA VAL A 480 -15.37 12.51 -7.28
C VAL A 480 -14.58 13.37 -8.26
N ASP A 481 -14.13 12.82 -9.40
CA ASP A 481 -13.32 13.57 -10.37
C ASP A 481 -14.19 14.57 -11.16
N GLU A 482 -15.50 14.42 -11.07
CA GLU A 482 -16.42 15.42 -11.62
C GLU A 482 -16.59 16.70 -10.79
N PHE A 483 -16.15 16.75 -9.55
CA PHE A 483 -16.30 18.02 -8.81
C PHE A 483 -15.04 18.46 -8.08
N LEU A 484 -14.01 17.62 -8.06
CA LEU A 484 -12.76 18.05 -7.40
C LEU A 484 -11.51 17.76 -8.20
N SER A 485 -10.46 18.55 -7.94
CA SER A 485 -9.10 18.21 -8.37
C SER A 485 -8.11 18.84 -7.44
N PHE A 486 -6.93 18.25 -7.37
CA PHE A 486 -5.83 18.86 -6.65
C PHE A 486 -4.78 19.28 -7.67
N VAL A 487 -4.13 20.39 -7.43
CA VAL A 487 -3.05 20.84 -8.30
C VAL A 487 -1.95 21.31 -7.37
N PRO A 488 -0.69 21.28 -7.83
CA PRO A 488 0.36 21.83 -6.99
C PRO A 488 0.36 23.37 -6.96
N ALA A 489 1.00 23.90 -5.93
CA ALA A 489 1.13 25.32 -5.70
C ALA A 489 2.45 25.57 -4.96
N PRO A 490 3.12 26.69 -5.25
CA PRO A 490 4.41 26.93 -4.62
C PRO A 490 4.36 27.34 -3.13
N ASP A 491 3.18 27.64 -2.61
CA ASP A 491 3.07 28.21 -1.28
C ASP A 491 2.11 27.41 -0.37
N ARG A 492 1.68 28.08 0.69
CA ARG A 492 1.21 27.47 1.93
C ARG A 492 1.39 25.97 2.12
N LYS A 493 0.45 25.15 1.67
CA LYS A 493 0.53 23.70 1.93
C LYS A 493 1.08 22.90 0.74
N GLY A 494 1.36 23.56 -0.38
CA GLY A 494 1.92 22.89 -1.56
C GLY A 494 0.92 22.43 -2.61
N PHE A 495 -0.36 22.71 -2.41
CA PHE A 495 -1.40 22.36 -3.37
C PHE A 495 -2.53 23.34 -3.28
N ARG A 496 -3.38 23.31 -4.29
CA ARG A 496 -4.73 23.83 -4.11
C ARG A 496 -5.74 22.71 -4.33
N LEU A 497 -6.80 22.73 -3.53
CA LEU A 497 -8.01 21.98 -3.84
C LEU A 497 -8.81 22.87 -4.78
N LEU A 498 -9.13 22.32 -5.94
CA LEU A 498 -10.05 22.89 -6.91
C LEU A 498 -11.41 22.24 -6.75
N LEU A 499 -12.46 23.04 -6.70
CA LEU A 499 -13.80 22.51 -6.70
C LEU A 499 -14.64 23.20 -7.73
N ALA A 500 -15.34 22.42 -8.55
CA ALA A 500 -16.42 22.97 -9.39
C ALA A 500 -17.33 23.92 -8.59
N SER A 501 -17.81 24.98 -9.25
CA SER A 501 -18.51 26.07 -8.53
C SER A 501 -19.51 26.80 -9.40
N PRO A 502 -20.79 26.41 -9.32
CA PRO A 502 -21.79 27.18 -10.01
C PRO A 502 -21.82 28.63 -9.58
N ARG A 503 -21.66 28.89 -8.28
CA ARG A 503 -21.60 30.24 -7.74
C ARG A 503 -20.66 31.11 -8.55
N SER A 504 -19.48 30.57 -8.82
CA SER A 504 -18.42 31.34 -9.46
C SER A 504 -18.76 31.70 -10.92
N CYS A 505 -19.44 30.78 -11.61
CA CYS A 505 -19.85 30.98 -12.99
C CYS A 505 -21.01 31.96 -13.08
N TYR A 506 -21.95 31.89 -12.13
CA TYR A 506 -23.01 32.88 -12.06
C TYR A 506 -22.44 34.28 -11.81
N LYS A 507 -21.45 34.39 -10.93
CA LYS A 507 -20.78 35.66 -10.66
C LYS A 507 -20.09 36.25 -11.90
N LEU A 508 -19.32 35.41 -12.60
CA LEU A 508 -18.62 35.77 -13.85
C LEU A 508 -19.58 36.26 -14.91
N PHE A 509 -20.64 35.50 -15.11
CA PHE A 509 -21.65 35.83 -16.12
C PHE A 509 -22.41 37.12 -15.76
N GLN A 510 -22.80 37.25 -14.50
CA GLN A 510 -23.39 38.49 -14.05
C GLN A 510 -22.46 39.67 -14.30
N GLU A 511 -21.19 39.53 -13.98
CA GLU A 511 -20.25 40.62 -14.14
C GLU A 511 -20.12 41.01 -15.59
N GLN A 512 -19.93 40.01 -16.46
CA GLN A 512 -20.00 40.22 -17.91
C GLN A 512 -21.26 40.98 -18.37
N GLN A 513 -22.44 40.56 -17.89
CA GLN A 513 -23.70 41.25 -18.25
C GLN A 513 -23.75 42.66 -17.68
N ASN A 514 -23.24 42.86 -16.48
CA ASN A 514 -23.15 44.21 -15.89
C ASN A 514 -22.33 45.17 -16.72
N GLU A 515 -21.37 44.60 -17.47
CA GLU A 515 -20.45 45.36 -18.33
C GLU A 515 -20.82 45.29 -19.82
N GLY A 516 -22.02 44.81 -20.13
CA GLY A 516 -22.65 45.02 -21.42
C GLY A 516 -22.67 43.84 -22.37
N HIS A 517 -22.32 42.66 -21.85
CA HIS A 517 -22.05 41.52 -22.71
C HIS A 517 -23.12 40.43 -22.61
N GLY A 518 -24.33 40.80 -22.20
CA GLY A 518 -25.40 39.81 -21.99
C GLY A 518 -25.85 39.11 -23.26
N GLU A 519 -25.39 39.62 -24.39
CA GLU A 519 -25.69 39.06 -25.70
C GLU A 519 -24.64 38.00 -26.08
N ALA A 520 -23.54 37.95 -25.33
CA ALA A 520 -22.48 36.99 -25.59
C ALA A 520 -22.92 35.53 -25.45
N LEU A 521 -22.46 34.69 -26.39
CA LEU A 521 -23.00 33.38 -26.66
C LEU A 521 -22.16 32.29 -26.06
N LEU A 522 -22.80 31.45 -25.25
CA LEU A 522 -22.16 30.25 -24.75
C LEU A 522 -22.26 29.29 -25.92
N PHE A 523 -21.23 28.48 -26.14
CA PHE A 523 -21.19 27.49 -27.21
C PHE A 523 -20.91 28.12 -28.58
N GLU A 524 -20.12 29.20 -28.60
CA GLU A 524 -19.54 29.73 -29.84
C GLU A 524 -18.34 28.84 -30.19
N GLY A 525 -18.20 28.54 -31.47
CA GLY A 525 -17.20 27.59 -31.95
C GLY A 525 -17.76 26.23 -32.37
N ILE A 526 -19.00 25.90 -31.98
CA ILE A 526 -19.53 24.52 -32.16
C ILE A 526 -20.36 24.26 -33.43
N LYS A 527 -19.99 23.15 -34.11
CA LYS A 527 -20.74 22.56 -35.24
C LYS A 527 -22.24 22.49 -35.00
N LYS A 528 -22.65 21.56 -34.12
CA LYS A 528 -24.05 21.27 -33.84
C LYS A 528 -24.40 21.56 -32.38
N LYS A 529 -24.76 22.81 -32.09
CA LYS A 529 -25.17 23.17 -30.73
C LYS A 529 -26.06 24.40 -30.77
N LYS A 530 -27.05 24.41 -29.87
CA LYS A 530 -27.89 25.60 -29.66
C LYS A 530 -27.08 26.63 -28.87
N GLN A 531 -26.63 27.70 -29.56
CA GLN A 531 -26.00 28.85 -28.89
C GLN A 531 -26.94 29.41 -27.84
N GLN A 532 -26.37 29.90 -26.73
CA GLN A 532 -27.17 30.41 -25.63
C GLN A 532 -26.53 31.66 -25.08
N LYS A 533 -27.35 32.70 -24.89
CA LYS A 533 -26.87 34.03 -24.49
C LYS A 533 -26.79 34.12 -22.98
N ILE A 534 -25.74 34.79 -22.50
CA ILE A 534 -25.53 35.02 -21.08
C ILE A 534 -26.82 35.44 -20.40
N LYS A 535 -27.56 36.37 -21.03
CA LYS A 535 -28.76 36.91 -20.43
C LYS A 535 -29.86 35.86 -20.21
N ASN A 536 -29.99 34.90 -21.13
CA ASN A 536 -31.05 33.88 -21.02
C ASN A 536 -30.65 32.77 -20.06
N ILE A 537 -29.34 32.53 -19.95
CA ILE A 537 -28.77 31.61 -18.96
C ILE A 537 -29.04 32.18 -17.57
N LEU A 538 -28.69 33.44 -17.34
CA LEU A 538 -29.03 34.09 -16.07
C LEU A 538 -30.55 34.12 -15.80
N SER A 539 -31.36 34.50 -16.78
CA SER A 539 -32.80 34.57 -16.57
C SER A 539 -33.46 33.20 -16.35
N ASN A 540 -32.73 32.11 -16.62
CA ASN A 540 -33.31 30.78 -16.51
C ASN A 540 -33.47 30.38 -15.06
N LYS A 541 -34.71 30.28 -14.58
CA LYS A 541 -34.95 30.09 -13.14
C LYS A 541 -34.76 28.63 -12.74
N THR A 542 -35.09 27.71 -13.64
CA THR A 542 -34.95 26.28 -13.42
C THR A 542 -33.49 25.88 -13.43
N LEU A 543 -32.74 26.42 -14.37
CA LEU A 543 -31.30 26.20 -14.41
C LEU A 543 -30.69 26.67 -13.11
N ARG A 544 -31.12 27.83 -12.63
CA ARG A 544 -30.58 28.36 -11.36
C ARG A 544 -30.95 27.46 -10.16
N GLU A 545 -32.13 26.84 -10.22
CA GLU A 545 -32.60 25.93 -9.19
C GLU A 545 -31.72 24.67 -9.12
N HIS A 546 -31.55 24.05 -10.28
CA HIS A 546 -30.63 22.92 -10.45
C HIS A 546 -29.24 23.21 -9.93
N ASN A 547 -28.67 24.31 -10.34
CA ASN A 547 -27.33 24.67 -9.89
C ASN A 547 -27.26 25.10 -8.43
N SER A 548 -28.37 25.52 -7.84
CA SER A 548 -28.37 25.74 -6.41
C SER A 548 -28.34 24.41 -5.67
N PHE A 549 -29.06 23.42 -6.19
CA PHE A 549 -29.03 22.09 -5.60
C PHE A 549 -27.63 21.50 -5.69
N VAL A 550 -27.00 21.63 -6.85
CA VAL A 550 -25.66 21.10 -7.07
C VAL A 550 -24.68 21.80 -6.17
N GLU A 551 -24.72 23.13 -6.15
CA GLU A 551 -23.91 23.93 -5.21
C GLU A 551 -23.97 23.39 -3.77
N ARG A 552 -25.17 23.02 -3.34
CA ARG A 552 -25.39 22.49 -2.03
C ARG A 552 -24.71 21.13 -1.86
N CYS A 553 -24.77 20.28 -2.88
CA CYS A 553 -24.03 19.00 -2.86
C CYS A 553 -22.53 19.27 -2.83
N ILE A 554 -22.07 20.22 -3.62
CA ILE A 554 -20.65 20.46 -3.64
C ILE A 554 -20.20 21.02 -2.31
N ASP A 555 -20.93 21.98 -1.76
CA ASP A 555 -20.62 22.56 -0.41
C ASP A 555 -20.59 21.55 0.72
N TRP A 556 -21.44 20.53 0.68
CA TRP A 556 -21.43 19.47 1.67
C TRP A 556 -20.03 18.83 1.67
N ASN A 557 -19.52 18.45 0.50
CA ASN A 557 -18.15 17.93 0.36
C ASN A 557 -17.05 18.97 0.71
N ARG A 558 -17.23 20.24 0.37
CA ARG A 558 -16.29 21.28 0.79
C ARG A 558 -15.99 21.13 2.26
N GLU A 559 -17.04 21.04 3.06
CA GLU A 559 -16.91 21.11 4.52
C GLU A 559 -16.36 19.80 5.06
N LEU A 560 -16.79 18.75 4.40
CA LEU A 560 -16.30 17.42 4.63
C LEU A 560 -14.80 17.26 4.39
N LEU A 561 -14.30 17.81 3.29
CA LEU A 561 -12.87 17.84 3.00
C LEU A 561 -12.16 18.78 3.94
N LYS A 562 -12.76 19.93 4.24
CA LYS A 562 -12.22 20.80 5.29
C LYS A 562 -11.98 20.01 6.58
N ARG A 563 -13.01 19.32 7.07
CA ARG A 563 -12.85 18.60 8.32
C ARG A 563 -11.82 17.47 8.19
N GLU A 564 -12.02 16.59 7.23
CA GLU A 564 -11.21 15.39 7.10
C GLU A 564 -9.79 15.55 6.51
N LEU A 565 -9.45 16.73 5.96
CA LEU A 565 -8.09 17.06 5.45
C LEU A 565 -7.46 18.29 6.17
N GLY A 566 -8.22 18.96 7.03
CA GLY A 566 -7.72 20.17 7.74
C GLY A 566 -7.44 21.35 6.84
N LEU A 567 -8.35 21.56 5.89
CA LEU A 567 -8.21 22.59 4.89
C LEU A 567 -8.87 23.82 5.42
N ALA A 568 -8.31 24.94 5.02
CA ALA A 568 -8.89 26.26 5.23
C ALA A 568 -9.38 26.78 3.89
N GLU A 569 -10.18 27.83 3.91
CA GLU A 569 -10.70 28.37 2.66
C GLU A 569 -9.56 28.71 1.73
N SER A 570 -8.45 29.11 2.32
CA SER A 570 -7.26 29.54 1.58
C SER A 570 -6.53 28.39 0.92
N ASP A 571 -6.99 27.16 1.15
CA ASP A 571 -6.48 26.03 0.38
C ASP A 571 -7.34 25.72 -0.83
N ILE A 572 -8.41 26.49 -1.02
CA ILE A 572 -9.40 26.10 -1.99
C ILE A 572 -9.67 27.18 -3.05
N ILE A 573 -9.73 26.74 -4.31
CA ILE A 573 -10.07 27.58 -5.45
C ILE A 573 -11.34 27.06 -6.13
N ASP A 574 -12.33 27.93 -6.27
CA ASP A 574 -13.55 27.60 -7.00
C ASP A 574 -13.34 27.82 -8.51
N ILE A 575 -13.77 26.84 -9.27
CA ILE A 575 -13.65 26.82 -10.71
C ILE A 575 -15.05 27.09 -11.19
N PRO A 576 -15.25 28.15 -12.02
CA PRO A 576 -16.59 28.39 -12.51
C PRO A 576 -17.09 27.21 -13.33
N GLN A 577 -18.28 26.70 -13.00
CA GLN A 577 -18.81 25.49 -13.62
C GLN A 577 -20.30 25.39 -13.41
N LEU A 578 -21.03 25.21 -14.50
CA LEU A 578 -22.49 25.03 -14.47
C LEU A 578 -22.87 23.58 -14.72
N PHE A 579 -23.98 23.17 -14.10
CA PHE A 579 -24.49 21.84 -14.23
C PHE A 579 -25.93 21.91 -14.68
N LYS A 580 -26.44 20.77 -15.10
CA LYS A 580 -27.86 20.56 -15.34
C LYS A 580 -28.26 19.20 -14.75
N LEU A 581 -29.49 19.07 -14.25
CA LEU A 581 -30.07 17.78 -13.85
C LEU A 581 -30.85 17.16 -14.99
N LYS A 582 -30.76 15.84 -15.10
CA LYS A 582 -31.37 15.09 -16.20
C LYS A 582 -32.13 13.93 -15.62
N GLU A 583 -31.87 12.70 -16.08
CA GLU A 583 -32.64 11.54 -15.67
C GLU A 583 -32.39 11.31 -14.22
N PHE A 584 -33.47 10.98 -13.50
CA PHE A 584 -33.43 10.75 -12.06
C PHE A 584 -32.93 11.97 -11.29
N SER A 585 -33.04 13.16 -11.86
CA SER A 585 -32.57 14.40 -11.25
C SER A 585 -31.07 14.39 -10.93
N LYS A 586 -30.30 13.70 -11.77
CA LYS A 586 -28.87 13.49 -11.59
C LYS A 586 -28.11 14.49 -12.44
N ALA A 587 -26.96 14.93 -11.92
CA ALA A 587 -26.24 16.07 -12.42
C ALA A 587 -25.17 15.73 -13.45
N GLU A 588 -25.22 16.47 -14.55
CA GLU A 588 -24.27 16.41 -15.65
C GLU A 588 -23.75 17.81 -15.87
N ALA A 589 -22.60 17.92 -16.51
CA ALA A 589 -22.01 19.20 -16.80
C ALA A 589 -22.76 19.94 -17.94
N PHE A 590 -23.01 21.24 -17.72
CA PHE A 590 -23.73 22.09 -18.68
C PHE A 590 -22.83 22.46 -19.85
N PHE A 591 -21.56 22.75 -19.53
CA PHE A 591 -20.49 22.89 -20.52
C PHE A 591 -19.28 22.09 -20.04
N PRO A 592 -18.33 21.81 -20.95
CA PRO A 592 -17.23 20.94 -20.55
C PRO A 592 -16.73 21.19 -19.15
N ASN A 593 -16.78 20.14 -18.33
CA ASN A 593 -16.44 20.15 -16.88
C ASN A 593 -14.95 20.38 -16.61
N MET A 594 -14.58 21.62 -16.37
CA MET A 594 -13.16 22.01 -16.37
C MET A 594 -12.34 21.46 -15.20
N VAL A 595 -13.00 21.12 -14.11
CA VAL A 595 -12.27 20.59 -12.97
C VAL A 595 -11.75 19.18 -13.25
N ASN A 596 -12.39 18.53 -14.24
CA ASN A 596 -12.03 17.19 -14.72
C ASN A 596 -10.88 17.31 -15.71
N MET A 597 -9.76 17.79 -15.16
CA MET A 597 -8.54 18.12 -15.91
C MET A 597 -7.41 17.11 -15.70
N LEU A 598 -6.41 17.20 -16.56
CA LEU A 598 -5.22 16.39 -16.46
C LEU A 598 -4.06 17.22 -15.91
N VAL A 599 -3.48 16.75 -14.82
CA VAL A 599 -2.53 17.53 -14.07
C VAL A 599 -1.18 16.90 -14.25
N LEU A 600 -0.34 17.55 -15.06
CA LEU A 600 0.99 17.04 -15.38
C LEU A 600 2.03 18.03 -14.86
N GLY A 601 2.09 18.14 -13.54
CA GLY A 601 2.96 19.13 -12.90
C GLY A 601 2.34 20.51 -13.05
N LYS A 602 3.16 21.49 -13.39
CA LYS A 602 2.67 22.83 -13.67
C LYS A 602 1.83 22.92 -14.95
N HIS A 603 1.71 21.81 -15.69
CA HIS A 603 0.98 21.77 -16.97
C HIS A 603 -0.39 21.13 -16.86
N LEU A 604 -1.44 21.91 -17.09
CA LEU A 604 -2.80 21.43 -16.98
C LEU A 604 -3.43 21.20 -18.36
N GLY A 605 -4.09 20.05 -18.52
CA GLY A 605 -4.95 19.79 -19.68
C GLY A 605 -6.42 19.94 -19.33
N ILE A 606 -7.00 21.07 -19.69
CA ILE A 606 -8.32 21.47 -19.22
C ILE A 606 -9.32 21.41 -20.37
N PRO A 607 -10.49 20.77 -20.15
CA PRO A 607 -11.48 20.74 -21.23
C PRO A 607 -11.87 22.15 -21.65
N LYS A 608 -11.85 22.40 -22.95
CA LYS A 608 -12.24 23.71 -23.49
C LYS A 608 -13.73 23.96 -23.27
N PRO A 609 -14.07 24.97 -22.46
CA PRO A 609 -15.50 25.14 -22.13
C PRO A 609 -16.31 25.73 -23.31
N PHE A 610 -15.64 26.35 -24.29
CA PHE A 610 -16.32 27.04 -25.35
C PHE A 610 -17.34 28.02 -24.77
N GLY A 611 -16.83 28.90 -23.91
CA GLY A 611 -17.62 29.90 -23.21
C GLY A 611 -17.79 31.19 -24.01
N PRO A 612 -18.60 32.12 -23.45
CA PRO A 612 -18.84 33.41 -24.11
C PRO A 612 -17.57 34.18 -24.43
N VAL A 613 -17.40 34.49 -25.72
CA VAL A 613 -16.22 35.16 -26.26
C VAL A 613 -16.36 36.67 -26.11
N ILE A 614 -15.44 37.26 -25.35
CA ILE A 614 -15.49 38.65 -24.94
C ILE A 614 -14.08 39.18 -25.04
N ASN A 615 -13.87 40.24 -25.83
CA ASN A 615 -12.51 40.69 -26.13
C ASN A 615 -11.63 39.59 -26.74
N GLY A 616 -12.20 38.83 -27.67
CA GLY A 616 -11.45 37.83 -28.42
C GLY A 616 -11.05 36.62 -27.59
N ARG A 617 -11.78 36.40 -26.51
CA ARG A 617 -11.41 35.41 -25.50
C ARG A 617 -12.63 34.87 -24.75
N CYS A 618 -12.73 33.54 -24.68
CA CYS A 618 -13.63 32.86 -23.71
C CYS A 618 -13.37 33.39 -22.30
N CYS A 619 -14.41 33.89 -21.65
CA CYS A 619 -14.27 34.48 -20.32
C CYS A 619 -14.08 33.42 -19.24
N LEU A 620 -14.54 32.20 -19.51
CA LEU A 620 -14.29 31.06 -18.61
C LEU A 620 -12.81 30.70 -18.56
N GLU A 621 -12.24 30.47 -19.74
CA GLU A 621 -10.79 30.30 -19.89
C GLU A 621 -10.05 31.42 -19.19
N GLU A 622 -10.39 32.64 -19.54
CA GLU A 622 -9.89 33.83 -18.86
C GLU A 622 -9.91 33.76 -17.31
N LYS A 623 -11.10 33.57 -16.75
CA LYS A 623 -11.28 33.41 -15.30
C LYS A 623 -10.37 32.31 -14.71
N VAL A 624 -10.38 31.14 -15.33
CA VAL A 624 -9.59 30.01 -14.86
C VAL A 624 -8.12 30.33 -14.85
N CYS A 625 -7.63 30.90 -15.95
CA CYS A 625 -6.24 31.34 -16.07
C CYS A 625 -5.88 32.35 -14.97
N SER A 626 -6.75 33.32 -14.73
CA SER A 626 -6.53 34.31 -13.65
C SER A 626 -6.45 33.67 -12.27
N LEU A 627 -7.12 32.54 -12.10
CA LEU A 627 -7.14 31.81 -10.83
C LEU A 627 -5.94 30.89 -10.65
N LEU A 628 -5.42 30.36 -11.74
CA LEU A 628 -4.37 29.33 -11.65
C LEU A 628 -2.97 29.80 -12.06
N GLU A 629 -2.88 30.74 -12.98
CA GLU A 629 -1.59 31.22 -13.44
C GLU A 629 -0.74 31.88 -12.35
N PRO A 630 -1.38 32.60 -11.41
CA PRO A 630 -0.67 33.09 -10.21
C PRO A 630 -0.06 32.01 -9.30
N LEU A 631 -0.37 30.75 -9.55
CA LEU A 631 0.33 29.63 -8.92
C LEU A 631 1.38 29.04 -9.86
N GLY A 632 1.61 29.68 -11.01
CA GLY A 632 2.56 29.16 -11.99
C GLY A 632 2.13 27.89 -12.69
N LEU A 633 0.83 27.70 -12.82
CA LEU A 633 0.26 26.63 -13.58
C LEU A 633 0.01 27.11 -15.01
N GLN A 634 0.20 26.23 -15.99
CA GLN A 634 0.00 26.55 -17.42
C GLN A 634 -1.21 25.82 -17.95
N CYS A 635 -2.23 26.58 -18.35
CA CYS A 635 -3.51 26.05 -18.78
C CYS A 635 -3.64 25.88 -20.28
N THR A 636 -3.77 24.64 -20.72
CA THR A 636 -4.09 24.31 -22.09
C THR A 636 -5.56 23.88 -22.13
N PHE A 637 -6.32 24.46 -23.05
CA PHE A 637 -7.74 24.09 -23.21
C PHE A 637 -7.93 23.15 -24.39
N ILE A 638 -8.22 21.89 -24.08
CA ILE A 638 -8.30 20.82 -25.05
C ILE A 638 -9.76 20.62 -25.48
N ASN A 639 -10.01 20.69 -26.79
CA ASN A 639 -11.33 20.42 -27.35
C ASN A 639 -11.66 18.95 -27.18
N ASP A 640 -12.55 18.66 -26.24
CA ASP A 640 -12.96 17.28 -25.99
C ASP A 640 -14.43 17.13 -26.29
N PHE A 641 -14.99 18.07 -27.05
CA PHE A 641 -16.43 18.31 -27.01
C PHE A 641 -17.30 17.17 -27.54
N PHE A 642 -17.07 16.75 -28.78
CA PHE A 642 -17.91 15.72 -29.42
C PHE A 642 -17.41 14.31 -29.07
N THR A 643 -16.11 14.23 -28.83
CA THR A 643 -15.44 13.00 -28.43
C THR A 643 -15.66 12.53 -26.96
N TYR A 644 -15.57 13.46 -26.01
CA TYR A 644 -15.67 13.13 -24.59
C TYR A 644 -16.85 13.80 -23.94
N HIS A 645 -16.92 15.12 -24.02
CA HIS A 645 -17.88 15.88 -23.23
C HIS A 645 -19.29 15.32 -23.42
N ILE A 646 -19.74 15.24 -24.66
CA ILE A 646 -21.13 14.85 -24.92
C ILE A 646 -21.40 13.36 -24.62
N ARG A 647 -20.34 12.59 -24.33
CA ARG A 647 -20.46 11.24 -23.72
C ARG A 647 -20.21 11.19 -22.18
N HIS A 648 -20.31 12.36 -21.54
CA HIS A 648 -20.41 12.48 -20.07
C HIS A 648 -19.11 12.29 -19.27
N GLY A 649 -17.98 12.64 -19.88
CA GLY A 649 -16.71 12.73 -19.17
C GLY A 649 -15.82 13.72 -19.87
N GLU A 650 -14.67 14.07 -19.30
CA GLU A 650 -13.79 15.04 -19.94
C GLU A 650 -12.33 14.54 -20.04
N VAL A 651 -11.36 15.44 -19.85
CA VAL A 651 -9.95 15.14 -20.11
C VAL A 651 -9.35 14.18 -19.07
N HIS A 652 -9.61 14.41 -17.79
CA HIS A 652 -9.21 13.48 -16.70
C HIS A 652 -9.82 12.10 -16.97
N ALA A 653 -11.13 12.09 -17.20
CA ALA A 653 -11.87 10.85 -17.51
C ALA A 653 -11.32 10.02 -18.70
N GLY A 654 -10.77 10.69 -19.71
CA GLY A 654 -10.18 10.02 -20.87
C GLY A 654 -8.70 9.64 -20.78
N THR A 655 -8.07 9.96 -19.64
CA THR A 655 -6.60 9.75 -19.47
C THR A 655 -6.29 9.14 -18.10
N ASN A 656 -5.03 8.75 -17.91
CA ASN A 656 -4.58 8.24 -16.61
C ASN A 656 -3.09 8.52 -16.47
N VAL A 657 -2.61 8.65 -15.23
CA VAL A 657 -1.21 8.98 -14.97
C VAL A 657 -0.56 8.09 -13.93
N ARG A 658 0.63 7.61 -14.25
CA ARG A 658 1.51 6.97 -13.31
C ARG A 658 2.42 8.05 -12.71
N ARG A 659 2.54 8.12 -11.40
CA ARG A 659 3.29 9.20 -10.77
C ARG A 659 4.35 8.61 -9.86
N LYS A 660 5.35 9.43 -9.53
CA LYS A 660 6.44 9.01 -8.67
C LYS A 660 5.94 8.73 -7.26
N PRO A 661 6.24 7.52 -6.71
CA PRO A 661 6.01 7.19 -5.29
C PRO A 661 6.50 8.25 -4.30
N PHE A 662 5.84 8.38 -3.16
CA PHE A 662 6.33 9.29 -2.13
C PHE A 662 7.72 8.89 -1.66
N SER A 663 8.58 9.88 -1.38
CA SER A 663 9.87 9.61 -0.75
C SER A 663 9.67 9.01 0.63
N PHE A 664 8.67 9.52 1.36
CA PHE A 664 8.41 9.13 2.75
C PHE A 664 8.03 7.68 2.78
N LYS A 665 8.66 6.89 3.64
CA LYS A 665 8.44 5.43 3.68
C LYS A 665 7.23 5.07 4.51
N TRP A 666 6.30 4.31 3.93
CA TRP A 666 5.00 4.13 4.57
C TRP A 666 5.13 3.61 6.02
N TRP A 667 6.16 2.77 6.25
CA TRP A 667 6.34 2.11 7.53
C TRP A 667 6.71 3.07 8.63
N ASN A 668 7.17 4.26 8.28
CA ASN A 668 7.47 5.28 9.29
C ASN A 668 6.23 6.06 9.73
N MET A 669 5.07 5.67 9.26
CA MET A 669 3.83 6.32 9.66
C MET A 669 3.38 5.63 10.93
N VAL A 670 2.53 6.30 11.70
CA VAL A 670 1.86 5.67 12.84
C VAL A 670 0.34 5.79 12.66
N PRO A 671 -0.25 4.93 11.79
CA PRO A 671 -1.66 5.06 11.43
C PRO A 671 -2.66 4.90 12.61
C ACE B 1 -18.78 5.45 -27.71
O ACE B 1 -19.83 5.01 -28.18
CH3 ACE B 1 -17.43 5.06 -28.22
N SER B 2 -18.69 5.91 -26.47
CA SER B 2 -19.19 5.17 -25.33
C SER B 2 -19.54 6.17 -24.21
N GLY B 3 -20.72 6.01 -23.62
CA GLY B 3 -21.11 6.78 -22.44
C GLY B 3 -20.28 6.39 -21.22
N ARG B 4 -19.69 7.39 -20.55
CA ARG B 4 -18.83 7.13 -19.39
C ARG B 4 -19.51 6.34 -18.30
N GLY B 5 -20.77 6.67 -18.05
CA GLY B 5 -21.52 6.15 -16.93
C GLY B 5 -22.10 4.78 -17.13
N LYS B 6 -22.49 4.48 -18.36
CA LYS B 6 -23.17 3.23 -18.66
C LYS B 6 -22.69 2.63 -20.00
CA CA C . -8.70 7.83 -10.35
CA CA D . 8.47 -10.64 -9.52
CA CA E . 10.32 -7.31 -10.29
CA CA F . -11.34 -4.84 -14.89
CA CA G . 7.31 -17.76 -8.95
S SO4 H . -24.74 2.90 -12.50
O1 SO4 H . -24.77 2.60 -13.93
O2 SO4 H . -25.99 2.49 -11.86
O3 SO4 H . -23.67 2.15 -11.85
O4 SO4 H . -24.49 4.34 -12.33
S SO4 I . -14.19 34.10 -7.34
O1 SO4 I . -13.35 35.11 -7.96
O2 SO4 I . -15.28 33.72 -8.24
O3 SO4 I . -13.37 32.93 -7.01
O4 SO4 I . -14.80 34.63 -6.14
S SO4 J . -33.16 36.65 -27.42
O1 SO4 J . -34.49 36.54 -28.03
O2 SO4 J . -33.31 36.39 -25.98
O3 SO4 J . -32.28 35.68 -28.06
O4 SO4 J . -32.64 38.01 -27.56
#